data_6FD2
#
_entry.id   6FD2
#
_cell.length_a   121.820
_cell.length_b   121.820
_cell.length_c   233.780
_cell.angle_alpha   90.00
_cell.angle_beta   90.00
_cell.angle_gamma   120.00
#
_symmetry.space_group_name_H-M   'P 31 2 1'
#
loop_
_entity.id
_entity.type
_entity.pdbx_description
1 polymer 'Putative apramycin biosynthetic oxidoreductase 4'
2 non-polymer paromamine
3 non-polymer 'IRON/SULFUR CLUSTER'
4 non-polymer METHIONINE
5 non-polymer "5'-DEOXYADENOSINE"
6 water water
#
_entity_poly.entity_id   1
_entity_poly.type   'polypeptide(L)'
_entity_poly.pdbx_seq_one_letter_code
;MRRMRLGTVLLVSPKTSFGRDLQRTYAGGLGTVCKDEDFLLPPLDLMRLAGVLREDADDIAIADEEVTGVVPSVEPGTTV
ICHVSLPSLLEDAERLATFRAQGARCYAYTSIRSPAQWRTLFERGGCEGVLLPESISFARAALAGDHTVPGLVTPDSLLD
PRHHQPAFGDLAAEPLPARDLVDHTPYMFPPIARTGITSINGSFGCPYPCRFYCPYPLSEGRKIRTYPVERIVAEFRQCA
ELGITAAVFRDPVFSFHRDRTLELCQALKAADTGVPWWCETRIDRLDEEVVAALVDAGCVGVEVGVESGDPDMQATAVRK
RLNLDTVRKFHAVARKAGLKLVFLFLIGLPRETRMSIRRTFDFILELGLADTEFNLSVITPYPGTELHQIAVDKGWIDGS
QNAFTSHNAVMHTDELSIGDLERASRFVDELHAVCKAGPAERAEFQARVHAWSTGDA
;
_entity_poly.pdbx_strand_id   B,A
#
loop_
_chem_comp.id
_chem_comp.type
_chem_comp.name
_chem_comp.formula
5AD non-polymer 5'-DEOXYADENOSINE 'C10 H13 N5 O3'
D5E D-saccharide paromamine 'C12 H25 N3 O7'
SF4 non-polymer 'IRON/SULFUR CLUSTER' 'Fe4 S4'
#
# COMPACT_ATOMS: atom_id res chain seq x y z
N ARG A 5 6.24 -16.20 -15.35
CA ARG A 5 7.44 -16.64 -14.67
C ARG A 5 8.04 -15.51 -13.84
N LEU A 6 9.00 -14.81 -14.44
CA LEU A 6 9.52 -13.52 -14.01
C LEU A 6 10.50 -13.60 -12.84
N GLY A 7 10.16 -14.31 -11.77
CA GLY A 7 11.06 -14.36 -10.63
C GLY A 7 10.97 -13.09 -9.81
N THR A 8 11.96 -12.92 -8.93
CA THR A 8 12.00 -11.74 -8.08
C THR A 8 12.17 -10.49 -8.94
N VAL A 9 11.42 -9.44 -8.58
CA VAL A 9 11.49 -8.15 -9.27
C VAL A 9 11.57 -7.05 -8.22
N LEU A 10 12.52 -6.14 -8.41
CA LEU A 10 12.71 -5.01 -7.52
C LEU A 10 12.75 -3.75 -8.36
N LEU A 11 11.78 -2.86 -8.13
CA LEU A 11 11.73 -1.58 -8.79
C LEU A 11 12.28 -0.54 -7.83
N VAL A 12 13.26 0.24 -8.30
CA VAL A 12 14.00 1.11 -7.40
C VAL A 12 14.04 2.50 -8.00
N SER A 13 13.68 3.49 -7.18
CA SER A 13 13.99 4.88 -7.47
C SER A 13 15.32 5.17 -6.79
N PRO A 14 16.42 5.15 -7.52
CA PRO A 14 17.74 5.10 -6.88
C PRO A 14 18.06 6.37 -6.13
N LYS A 15 19.11 6.29 -5.35
CA LYS A 15 19.60 7.42 -4.57
C LYS A 15 20.55 8.26 -5.43
N THR A 16 20.51 9.57 -5.20
CA THR A 16 21.36 10.51 -5.92
C THR A 16 21.88 11.54 -4.94
N SER A 17 22.91 12.28 -5.38
CA SER A 17 23.44 13.37 -4.58
C SER A 17 22.45 14.52 -4.40
N PHE A 18 21.33 14.51 -5.13
CA PHE A 18 20.33 15.56 -4.98
C PHE A 18 19.44 15.34 -3.78
N GLY A 19 19.34 14.11 -3.29
CA GLY A 19 18.46 13.82 -2.18
C GLY A 19 17.02 13.71 -2.65
N ARG A 20 16.10 14.11 -1.78
CA ARG A 20 14.69 14.18 -2.12
C ARG A 20 14.31 15.50 -2.76
N ASP A 21 15.28 16.42 -2.92
CA ASP A 21 15.04 17.61 -3.71
C ASP A 21 14.87 17.26 -5.18
N LEU A 22 15.35 16.09 -5.58
CA LEU A 22 15.09 15.53 -6.89
C LEU A 22 13.70 14.89 -6.87
N GLN A 23 12.80 15.42 -7.68
CA GLN A 23 11.45 14.89 -7.84
C GLN A 23 11.30 14.39 -9.27
N ARG A 24 11.45 13.08 -9.44
CA ARG A 24 11.56 12.50 -10.77
C ARG A 24 10.29 12.62 -11.59
N THR A 25 9.15 12.84 -10.95
CA THR A 25 7.90 12.86 -11.70
C THR A 25 7.73 14.14 -12.50
N TYR A 26 8.34 15.24 -12.05
CA TYR A 26 8.03 16.53 -12.63
C TYR A 26 8.86 16.77 -13.89
N ALA A 27 8.51 17.84 -14.60
CA ALA A 27 9.07 18.15 -15.92
C ALA A 27 9.04 16.92 -16.84
N GLY A 28 7.82 16.52 -17.16
CA GLY A 28 7.60 15.37 -18.04
C GLY A 28 8.38 14.13 -17.63
N GLY A 29 8.44 13.85 -16.33
CA GLY A 29 9.16 12.68 -15.90
C GLY A 29 10.66 12.70 -16.08
N LEU A 30 11.23 13.80 -16.55
CA LEU A 30 12.69 13.90 -16.61
C LEU A 30 13.29 14.41 -15.31
N GLY A 31 12.48 14.82 -14.35
CA GLY A 31 13.00 15.20 -13.04
C GLY A 31 13.26 16.69 -12.88
N THR A 32 12.83 17.22 -11.75
CA THR A 32 13.20 18.55 -11.29
C THR A 32 13.97 18.44 -9.99
N VAL A 33 14.79 19.45 -9.72
CA VAL A 33 15.54 19.54 -8.47
C VAL A 33 15.31 20.93 -7.91
N CYS A 34 14.68 21.00 -6.76
CA CYS A 34 14.27 22.26 -6.16
C CYS A 34 14.78 22.25 -4.74
N LYS A 35 15.59 23.24 -4.38
CA LYS A 35 16.21 23.24 -3.05
C LYS A 35 15.15 23.37 -1.97
N ASP A 36 15.29 22.56 -0.91
CA ASP A 36 14.30 22.46 0.16
C ASP A 36 12.94 22.07 -0.39
N GLU A 37 12.94 21.00 -1.19
CA GLU A 37 11.71 20.53 -1.82
C GLU A 37 10.74 20.00 -0.78
N ASP A 38 9.56 20.61 -0.69
CA ASP A 38 8.53 20.14 0.21
C ASP A 38 7.40 19.43 -0.51
N PHE A 39 7.47 19.28 -1.84
CA PHE A 39 6.49 18.51 -2.61
C PHE A 39 7.13 17.14 -2.89
N LEU A 40 7.03 16.25 -1.92
CA LEU A 40 7.70 14.95 -2.02
C LEU A 40 6.66 13.90 -2.37
N LEU A 41 6.70 13.45 -3.63
CA LEU A 41 5.69 12.57 -4.18
C LEU A 41 6.20 11.14 -4.26
N PRO A 42 5.30 10.14 -4.30
CA PRO A 42 5.73 8.74 -4.25
C PRO A 42 6.15 8.24 -5.62
N PRO A 43 6.76 7.14 -5.69
CA PRO A 43 7.19 6.63 -7.01
C PRO A 43 6.04 6.01 -7.80
N LEU A 44 5.19 6.89 -8.34
CA LEU A 44 3.97 6.46 -9.02
C LEU A 44 4.27 5.50 -10.17
N ASP A 45 5.21 5.87 -11.06
CA ASP A 45 5.45 5.04 -12.24
C ASP A 45 5.91 3.64 -11.84
N LEU A 46 6.81 3.56 -10.85
CA LEU A 46 7.21 2.26 -10.34
C LEU A 46 6.01 1.48 -9.79
N MET A 47 5.07 2.19 -9.18
CA MET A 47 3.90 1.52 -8.62
C MET A 47 3.00 0.99 -9.73
N ARG A 48 2.85 1.75 -10.81
CA ARG A 48 2.08 1.28 -11.96
C ARG A 48 2.74 0.06 -12.59
N LEU A 49 4.06 0.08 -12.71
CA LEU A 49 4.79 -1.09 -13.19
C LEU A 49 4.53 -2.30 -12.30
N ALA A 50 4.62 -2.10 -10.98
CA ALA A 50 4.30 -3.18 -10.05
C ALA A 50 2.87 -3.67 -10.25
N GLY A 51 1.96 -2.75 -10.55
CA GLY A 51 0.57 -3.14 -10.74
C GLY A 51 0.36 -4.04 -11.93
N VAL A 52 1.12 -3.80 -13.00
CA VAL A 52 0.93 -4.66 -14.18
C VAL A 52 1.78 -5.93 -14.12
N LEU A 53 2.90 -5.90 -13.41
CA LEU A 53 3.78 -7.06 -13.34
C LEU A 53 3.34 -8.06 -12.27
N ARG A 54 2.70 -7.56 -11.21
CA ARG A 54 2.42 -8.31 -10.00
C ARG A 54 1.70 -9.64 -10.27
N GLU A 55 0.95 -9.72 -11.37
CA GLU A 55 0.22 -10.94 -11.71
C GLU A 55 1.16 -12.11 -11.97
N ASP A 56 2.22 -11.88 -12.75
CA ASP A 56 3.09 -12.95 -13.24
C ASP A 56 4.47 -12.94 -12.60
N ALA A 57 4.62 -12.33 -11.42
CA ALA A 57 5.90 -12.24 -10.73
C ALA A 57 5.81 -12.99 -9.40
N ASP A 58 6.81 -13.83 -9.14
CA ASP A 58 6.86 -14.54 -7.86
C ASP A 58 6.95 -13.54 -6.71
N ASP A 59 7.85 -12.58 -6.80
CA ASP A 59 8.04 -11.57 -5.77
C ASP A 59 8.27 -10.23 -6.46
N ILE A 60 7.79 -9.15 -5.83
CA ILE A 60 7.98 -7.83 -6.40
C ILE A 60 7.90 -6.77 -5.30
N ALA A 61 8.85 -5.84 -5.30
CA ALA A 61 8.88 -4.80 -4.27
C ALA A 61 9.34 -3.48 -4.88
N ILE A 62 9.15 -2.41 -4.12
CA ILE A 62 9.46 -1.06 -4.57
C ILE A 62 10.33 -0.40 -3.50
N ALA A 63 11.41 0.23 -3.93
CA ALA A 63 12.41 0.81 -3.03
C ALA A 63 12.74 2.23 -3.48
N ASP A 64 12.25 3.22 -2.73
CA ASP A 64 12.65 4.61 -2.90
C ASP A 64 13.82 4.83 -1.96
N GLU A 65 15.04 4.62 -2.47
CA GLU A 65 16.21 4.56 -1.61
C GLU A 65 16.41 5.82 -0.80
N GLU A 66 15.91 6.96 -1.29
CA GLU A 66 15.94 8.19 -0.49
C GLU A 66 15.03 8.13 0.72
N VAL A 67 14.17 7.11 0.85
CA VAL A 67 13.26 7.01 1.97
C VAL A 67 13.46 5.70 2.71
N THR A 68 13.23 4.57 2.01
CA THR A 68 13.44 3.26 2.59
C THR A 68 14.92 2.98 2.84
N GLY A 69 15.82 3.62 2.11
CA GLY A 69 17.22 3.31 2.26
C GLY A 69 17.76 2.53 1.07
N VAL A 70 19.07 2.68 0.85
CA VAL A 70 19.74 2.01 -0.25
C VAL A 70 19.61 0.50 -0.12
N VAL A 71 19.20 -0.15 -1.21
CA VAL A 71 19.12 -1.61 -1.22
C VAL A 71 20.53 -2.16 -1.05
N PRO A 72 20.79 -3.01 -0.05
CA PRO A 72 22.16 -3.46 0.20
C PRO A 72 22.76 -4.19 -0.97
N SER A 73 22.08 -5.24 -1.42
CA SER A 73 22.51 -6.03 -2.57
C SER A 73 21.31 -6.80 -3.09
N VAL A 74 21.52 -7.52 -4.18
CA VAL A 74 20.45 -8.27 -4.83
C VAL A 74 20.92 -9.70 -5.03
N GLU A 75 19.95 -10.61 -5.17
CA GLU A 75 20.60 -11.90 -5.44
C GLU A 75 20.72 -12.08 -6.95
N PRO A 76 21.84 -12.62 -7.44
CA PRO A 76 22.02 -12.74 -8.89
C PRO A 76 20.95 -13.62 -9.52
N GLY A 77 20.33 -13.10 -10.58
CA GLY A 77 19.28 -13.80 -11.28
C GLY A 77 17.99 -13.02 -11.35
N THR A 78 17.81 -12.05 -10.47
CA THR A 78 16.56 -11.31 -10.35
C THR A 78 16.60 -10.03 -11.18
N THR A 79 15.41 -9.59 -11.59
CA THR A 79 15.27 -8.36 -12.36
C THR A 79 15.30 -7.12 -11.46
N VAL A 80 15.98 -6.08 -11.93
CA VAL A 80 16.02 -4.79 -11.25
C VAL A 80 15.69 -3.71 -12.26
N ILE A 81 14.75 -2.84 -11.92
CA ILE A 81 14.32 -1.74 -12.78
C ILE A 81 14.63 -0.44 -12.04
N CYS A 82 15.45 0.41 -12.65
CA CYS A 82 15.81 1.68 -12.05
C CYS A 82 15.13 2.83 -12.78
N HIS A 83 14.87 3.90 -12.04
CA HIS A 83 14.22 5.08 -12.58
C HIS A 83 15.32 6.09 -12.87
N VAL A 84 15.55 6.35 -14.14
CA VAL A 84 16.63 7.22 -14.58
C VAL A 84 16.04 8.58 -14.87
N SER A 85 16.55 9.61 -14.21
CA SER A 85 16.11 10.96 -14.48
C SER A 85 17.10 11.63 -15.43
N LEU A 86 16.90 12.91 -15.68
CA LEU A 86 17.81 13.59 -16.58
C LEU A 86 18.96 14.22 -15.82
N PRO A 87 18.73 15.09 -14.82
CA PRO A 87 19.86 15.73 -14.15
C PRO A 87 20.69 14.78 -13.30
N SER A 88 20.35 13.49 -13.29
CA SER A 88 21.09 12.49 -12.53
C SER A 88 21.27 11.20 -13.32
N LEU A 89 21.27 11.30 -14.65
CA LEU A 89 21.37 10.11 -15.48
C LEU A 89 22.68 9.37 -15.24
N LEU A 90 23.75 10.10 -14.90
CA LEU A 90 25.03 9.45 -14.61
C LEU A 90 24.95 8.63 -13.33
N GLU A 91 24.46 9.24 -12.25
CA GLU A 91 24.32 8.53 -10.98
C GLU A 91 23.43 7.30 -11.11
N ASP A 92 22.36 7.41 -11.91
CA ASP A 92 21.46 6.27 -12.05
C ASP A 92 22.03 5.21 -12.97
N ALA A 93 22.88 5.60 -13.92
CA ALA A 93 23.62 4.63 -14.71
C ALA A 93 24.64 3.90 -13.85
N GLU A 94 25.24 4.61 -12.90
CA GLU A 94 26.18 3.99 -11.98
C GLU A 94 25.47 2.99 -11.07
N ARG A 95 24.28 3.36 -10.57
CA ARG A 95 23.51 2.42 -9.76
C ARG A 95 23.09 1.21 -10.59
N LEU A 96 22.81 1.44 -11.88
CA LEU A 96 22.41 0.33 -12.74
C LEU A 96 23.59 -0.62 -13.01
N ALA A 97 24.79 -0.07 -13.15
CA ALA A 97 25.96 -0.92 -13.25
C ALA A 97 26.24 -1.64 -11.95
N THR A 98 25.92 -1.01 -10.82
CA THR A 98 26.07 -1.68 -9.53
C THR A 98 25.18 -2.91 -9.45
N PHE A 99 23.91 -2.77 -9.84
CA PHE A 99 23.05 -3.94 -9.85
C PHE A 99 23.49 -4.96 -10.90
N ARG A 100 24.02 -4.50 -12.04
CA ARG A 100 24.49 -5.45 -13.05
C ARG A 100 25.63 -6.31 -12.53
N ALA A 101 26.57 -5.69 -11.79
CA ALA A 101 27.72 -6.44 -11.29
C ALA A 101 27.33 -7.48 -10.24
N GLN A 102 26.11 -7.42 -9.73
CA GLN A 102 25.59 -8.44 -8.82
C GLN A 102 24.66 -9.42 -9.53
N GLY A 103 24.86 -9.60 -10.84
CA GLY A 103 24.10 -10.56 -11.60
C GLY A 103 22.63 -10.24 -11.81
N ALA A 104 22.22 -8.99 -11.60
CA ALA A 104 20.84 -8.61 -11.85
C ALA A 104 20.65 -8.32 -13.33
N ARG A 105 19.57 -8.88 -13.89
CA ARG A 105 19.17 -8.59 -15.26
C ARG A 105 18.55 -7.18 -15.28
N CYS A 106 19.43 -6.19 -15.37
CA CYS A 106 19.05 -4.80 -15.19
C CYS A 106 18.23 -4.25 -16.36
N TYR A 107 17.29 -3.38 -16.02
CA TYR A 107 16.49 -2.62 -16.97
C TYR A 107 16.50 -1.17 -16.51
N ALA A 108 16.03 -0.27 -17.35
CA ALA A 108 15.96 1.13 -16.96
C ALA A 108 14.63 1.71 -17.37
N TYR A 109 14.07 2.55 -16.51
CA TYR A 109 12.81 3.22 -16.80
C TYR A 109 13.07 4.71 -16.88
N THR A 110 12.59 5.35 -17.95
CA THR A 110 12.85 6.77 -18.12
C THR A 110 11.84 7.36 -19.08
N SER A 111 11.69 8.69 -19.01
CA SER A 111 10.93 9.46 -19.97
C SER A 111 11.86 10.16 -20.95
N ILE A 112 13.16 9.87 -20.86
CA ILE A 112 14.16 10.49 -21.73
C ILE A 112 14.00 9.93 -23.13
N ARG A 113 13.69 10.81 -24.09
CA ARG A 113 13.54 10.41 -25.48
C ARG A 113 14.72 10.90 -26.32
N SER A 114 15.91 10.41 -26.02
CA SER A 114 17.13 10.89 -26.68
C SER A 114 18.09 9.72 -26.81
N PRO A 115 18.21 9.13 -28.01
CA PRO A 115 19.06 7.94 -28.17
C PRO A 115 20.49 8.16 -27.70
N ALA A 116 20.96 9.41 -27.70
CA ALA A 116 22.24 9.75 -27.11
C ALA A 116 22.31 9.34 -25.63
N GLN A 117 21.26 9.59 -24.86
CA GLN A 117 21.29 9.24 -23.45
C GLN A 117 21.05 7.76 -23.22
N TRP A 118 20.25 7.14 -24.10
CA TRP A 118 20.07 5.69 -24.05
C TRP A 118 21.39 4.98 -24.23
N ARG A 119 22.21 5.46 -25.17
CA ARG A 119 23.58 4.96 -25.31
C ARG A 119 24.26 4.87 -23.95
N THR A 120 24.37 6.00 -23.25
CA THR A 120 24.95 6.01 -21.92
C THR A 120 24.28 5.00 -20.98
N LEU A 121 23.00 4.69 -21.19
CA LEU A 121 22.38 3.71 -20.30
C LEU A 121 22.77 2.27 -20.65
N PHE A 122 22.92 1.95 -21.94
CA PHE A 122 23.41 0.62 -22.31
C PHE A 122 24.91 0.44 -22.07
N GLU A 123 25.68 1.53 -22.08
CA GLU A 123 27.13 1.43 -21.95
C GLU A 123 27.53 1.34 -20.48
N ARG A 124 27.42 2.47 -19.76
CA ARG A 124 27.76 2.51 -18.35
C ARG A 124 26.83 1.61 -17.54
N GLY A 125 25.53 1.69 -17.82
CA GLY A 125 24.56 0.92 -17.05
C GLY A 125 24.47 -0.56 -17.38
N GLY A 126 24.69 -0.93 -18.63
CA GLY A 126 24.59 -2.34 -18.98
C GLY A 126 23.19 -2.90 -18.83
N CYS A 127 22.21 -2.26 -19.48
CA CYS A 127 20.81 -2.63 -19.37
C CYS A 127 20.40 -3.53 -20.53
N GLU A 128 19.67 -4.61 -20.22
CA GLU A 128 19.11 -5.45 -21.26
C GLU A 128 17.97 -4.76 -22.01
N GLY A 129 17.59 -3.56 -21.59
CA GLY A 129 16.58 -2.78 -22.28
C GLY A 129 16.34 -1.50 -21.51
N VAL A 130 15.63 -0.60 -22.16
CA VAL A 130 15.28 0.69 -21.57
C VAL A 130 13.78 0.84 -21.73
N LEU A 131 13.09 1.10 -20.62
CA LEU A 131 11.63 1.14 -20.59
C LEU A 131 11.16 2.58 -20.55
N LEU A 132 10.18 2.88 -21.38
CA LEU A 132 9.62 4.19 -21.60
C LEU A 132 8.15 4.15 -21.20
N PRO A 133 7.52 5.30 -20.97
CA PRO A 133 6.11 5.30 -20.52
C PRO A 133 5.21 4.30 -21.24
N GLU A 134 5.21 4.32 -22.57
CA GLU A 134 4.38 3.40 -23.34
C GLU A 134 4.55 1.95 -22.93
N SER A 135 5.72 1.59 -22.38
CA SER A 135 6.00 0.19 -22.09
C SER A 135 5.22 -0.32 -20.90
N ILE A 136 4.77 0.57 -20.00
CA ILE A 136 4.14 0.13 -18.76
C ILE A 136 2.98 -0.82 -19.03
N SER A 137 2.11 -0.46 -19.98
CA SER A 137 0.94 -1.28 -20.27
C SER A 137 1.35 -2.68 -20.68
N PHE A 138 2.47 -2.81 -21.39
CA PHE A 138 2.96 -4.08 -21.87
C PHE A 138 4.12 -4.61 -21.03
N ALA A 139 4.28 -4.10 -19.81
CA ALA A 139 5.51 -4.39 -19.07
C ALA A 139 5.73 -5.88 -18.87
N ARG A 140 4.71 -6.72 -19.02
CA ARG A 140 4.95 -8.15 -18.89
C ARG A 140 5.70 -8.67 -20.10
N ALA A 141 5.16 -8.40 -21.30
CA ALA A 141 5.77 -8.89 -22.53
C ALA A 141 7.23 -8.48 -22.64
N ALA A 142 7.52 -7.21 -22.37
CA ALA A 142 8.89 -6.69 -22.35
C ALA A 142 9.89 -7.61 -21.64
N LEU A 143 9.53 -8.13 -20.47
CA LEU A 143 10.46 -9.01 -19.76
C LEU A 143 10.31 -10.47 -20.16
N ALA A 144 9.27 -10.80 -20.93
CA ALA A 144 9.13 -12.11 -21.53
C ALA A 144 10.06 -12.29 -22.73
N GLY A 145 10.64 -11.19 -23.22
CA GLY A 145 11.58 -11.20 -24.31
C GLY A 145 11.11 -10.52 -25.57
N ASP A 146 9.81 -10.35 -25.76
CA ASP A 146 9.30 -9.70 -26.97
C ASP A 146 9.88 -8.30 -27.09
N HIS A 147 10.25 -7.91 -28.32
CA HIS A 147 10.80 -6.59 -28.58
C HIS A 147 10.04 -5.79 -29.62
N THR A 148 9.00 -6.34 -30.22
CA THR A 148 8.07 -5.56 -31.03
C THR A 148 7.09 -4.77 -30.16
N VAL A 149 7.34 -4.77 -28.86
CA VAL A 149 6.49 -4.20 -27.84
C VAL A 149 6.80 -2.72 -27.64
N PRO A 150 5.79 -1.85 -27.63
CA PRO A 150 6.06 -0.41 -27.57
C PRO A 150 6.72 -0.02 -26.25
N GLY A 151 7.55 1.01 -26.31
CA GLY A 151 8.16 1.52 -25.10
C GLY A 151 9.41 0.79 -24.66
N LEU A 152 9.77 -0.31 -25.33
CA LEU A 152 10.94 -1.10 -25.00
C LEU A 152 12.04 -0.78 -26.01
N VAL A 153 13.19 -0.35 -25.51
CA VAL A 153 14.31 0.01 -26.37
C VAL A 153 15.45 -0.97 -26.12
N THR A 154 15.75 -1.78 -27.12
CA THR A 154 16.94 -2.59 -27.10
C THR A 154 18.14 -1.73 -27.48
N PRO A 155 19.37 -2.18 -27.21
CA PRO A 155 20.52 -1.50 -27.80
C PRO A 155 20.71 -1.84 -29.26
N ASP A 156 19.96 -2.83 -29.74
CA ASP A 156 19.95 -3.22 -31.15
C ASP A 156 19.29 -2.15 -31.99
N SER A 157 17.96 -2.13 -32.00
CA SER A 157 17.22 -1.19 -32.83
C SER A 157 16.94 0.08 -32.02
N LEU A 158 18.04 0.73 -31.63
CA LEU A 158 18.08 1.93 -30.78
C LEU A 158 17.57 3.18 -31.48
N LEU A 159 17.20 3.10 -32.75
CA LEU A 159 16.76 4.29 -33.46
C LEU A 159 15.48 4.02 -34.24
N ASP A 160 14.65 3.12 -33.74
CA ASP A 160 13.38 2.84 -34.38
C ASP A 160 12.45 4.05 -34.22
N PRO A 161 11.85 4.53 -35.30
CA PRO A 161 10.95 5.70 -35.19
C PRO A 161 9.61 5.42 -34.51
N ARG A 162 9.52 4.29 -33.81
CA ARG A 162 8.35 4.05 -32.99
C ARG A 162 8.47 4.80 -31.67
N HIS A 163 9.70 5.10 -31.26
CA HIS A 163 9.95 5.69 -29.96
C HIS A 163 9.78 7.20 -29.99
N HIS A 164 9.34 7.77 -31.11
CA HIS A 164 8.89 9.16 -31.19
C HIS A 164 7.43 9.27 -31.61
N GLN A 165 6.71 8.16 -31.62
CA GLN A 165 5.26 8.12 -31.84
C GLN A 165 4.78 7.14 -30.80
N PRO A 166 4.68 7.59 -29.54
CA PRO A 166 4.42 6.68 -28.43
C PRO A 166 3.09 5.93 -28.53
N ALA A 167 3.15 4.67 -28.95
CA ALA A 167 1.97 3.84 -29.08
C ALA A 167 1.50 3.41 -27.70
N PHE A 168 0.35 3.92 -27.27
CA PHE A 168 -0.18 3.67 -25.93
C PHE A 168 -1.16 2.50 -25.99
N GLY A 169 -0.99 1.54 -25.09
CA GLY A 169 -1.87 0.40 -25.07
C GLY A 169 -3.25 0.71 -24.54
N ASP A 170 -3.99 -0.33 -24.15
CA ASP A 170 -5.34 -0.19 -23.62
C ASP A 170 -5.25 0.27 -22.17
N LEU A 171 -5.42 1.57 -21.95
CA LEU A 171 -5.30 2.11 -20.60
C LEU A 171 -6.41 1.60 -19.69
N ALA A 172 -7.58 1.30 -20.25
CA ALA A 172 -8.73 0.93 -19.43
C ALA A 172 -8.60 -0.45 -18.81
N ALA A 173 -7.68 -1.30 -19.26
CA ALA A 173 -7.48 -2.62 -18.68
C ALA A 173 -6.24 -2.67 -17.79
N GLU A 174 -5.60 -1.55 -17.54
CA GLU A 174 -4.40 -1.53 -16.71
C GLU A 174 -4.79 -1.73 -15.24
N PRO A 175 -4.08 -2.60 -14.51
CA PRO A 175 -4.38 -2.76 -13.09
C PRO A 175 -4.07 -1.49 -12.31
N LEU A 176 -4.67 -1.39 -11.13
CA LEU A 176 -4.41 -0.25 -10.25
C LEU A 176 -2.95 -0.27 -9.79
N PRO A 177 -2.36 0.91 -9.57
CA PRO A 177 -0.97 0.94 -9.11
C PRO A 177 -0.86 0.24 -7.77
N ALA A 178 0.24 -0.51 -7.59
CA ALA A 178 0.43 -1.20 -6.32
C ALA A 178 0.73 -0.19 -5.21
N ARG A 179 -0.26 0.65 -4.89
CA ARG A 179 -0.06 1.65 -3.85
C ARG A 179 0.09 1.01 -2.48
N ASP A 180 -0.38 -0.22 -2.32
CA ASP A 180 -0.25 -0.98 -1.09
C ASP A 180 1.16 -1.54 -0.88
N LEU A 181 2.04 -1.43 -1.88
CA LEU A 181 3.42 -1.87 -1.74
C LEU A 181 4.33 -0.79 -1.20
N VAL A 182 3.80 0.38 -0.86
CA VAL A 182 4.61 1.52 -0.44
C VAL A 182 3.93 2.23 0.73
N ASP A 183 4.66 2.40 1.83
CA ASP A 183 4.18 3.24 2.93
C ASP A 183 4.23 4.69 2.49
N HIS A 184 3.09 5.34 2.42
CA HIS A 184 3.03 6.69 1.88
C HIS A 184 3.31 7.75 2.94
N THR A 185 3.58 7.36 4.18
CA THR A 185 3.78 8.33 5.25
C THR A 185 4.89 9.34 4.97
N PRO A 186 6.06 8.96 4.45
CA PRO A 186 7.11 9.95 4.22
C PRO A 186 6.87 10.85 3.03
N TYR A 187 5.69 10.83 2.42
CA TYR A 187 5.42 11.62 1.23
C TYR A 187 4.51 12.78 1.61
N MET A 188 4.87 13.97 1.10
CA MET A 188 4.34 15.25 1.57
C MET A 188 3.70 16.02 0.42
N PHE A 189 2.60 16.72 0.72
CA PHE A 189 2.00 17.67 -0.22
C PHE A 189 1.45 18.83 0.61
N PRO A 190 2.29 19.81 0.92
CA PRO A 190 1.98 20.79 1.99
C PRO A 190 0.63 21.46 1.83
N PRO A 191 0.18 21.83 0.62
CA PRO A 191 -1.15 22.46 0.52
C PRO A 191 -2.31 21.56 0.91
N ILE A 192 -2.09 20.27 1.19
CA ILE A 192 -3.18 19.40 1.63
C ILE A 192 -2.81 18.66 2.91
N ALA A 193 -1.70 17.94 2.89
CA ALA A 193 -1.31 17.12 4.03
C ALA A 193 0.20 16.96 4.03
N ARG A 194 0.76 16.79 5.23
CA ARG A 194 2.21 16.65 5.38
C ARG A 194 2.66 15.20 5.42
N THR A 195 1.73 14.26 5.48
CA THR A 195 2.07 12.84 5.55
C THR A 195 1.07 12.04 4.74
N GLY A 196 1.55 10.91 4.20
CA GLY A 196 0.73 9.95 3.51
C GLY A 196 -0.11 10.40 2.32
N ILE A 197 0.51 11.13 1.40
CA ILE A 197 -0.18 11.54 0.18
C ILE A 197 0.33 10.67 -0.96
N THR A 198 -0.46 10.58 -2.03
CA THR A 198 -0.11 9.79 -3.20
C THR A 198 -0.35 10.60 -4.46
N SER A 199 0.24 10.15 -5.55
CA SER A 199 0.00 10.72 -6.87
C SER A 199 -0.87 9.78 -7.69
N ILE A 200 -1.51 10.35 -8.72
CA ILE A 200 -2.48 9.61 -9.51
C ILE A 200 -2.54 10.27 -10.89
N ASN A 201 -2.87 9.47 -11.90
CA ASN A 201 -3.12 9.97 -13.25
C ASN A 201 -4.53 9.62 -13.67
N GLY A 202 -5.19 10.58 -14.33
CA GLY A 202 -6.50 10.30 -14.89
C GLY A 202 -6.44 10.35 -16.39
N SER A 203 -5.36 10.93 -16.90
CA SER A 203 -5.10 11.04 -18.32
C SER A 203 -3.64 11.35 -18.51
N PHE A 204 -3.18 11.21 -19.75
CA PHE A 204 -1.80 11.52 -20.13
C PHE A 204 -1.79 12.38 -21.40
N GLY A 205 -0.62 12.89 -21.72
CA GLY A 205 -0.41 13.61 -22.96
C GLY A 205 -0.95 15.03 -22.94
N CYS A 206 -0.50 15.81 -23.92
CA CYS A 206 -0.92 17.17 -24.16
C CYS A 206 -0.70 17.56 -25.62
N PRO A 207 -1.68 18.21 -26.24
CA PRO A 207 -1.58 18.52 -27.68
C PRO A 207 -1.16 19.95 -28.00
N TYR A 208 -0.86 20.75 -27.00
CA TYR A 208 -0.73 22.18 -27.22
C TYR A 208 0.63 22.55 -27.81
N PRO A 209 0.71 23.70 -28.49
CA PRO A 209 1.96 24.07 -29.16
C PRO A 209 3.06 24.51 -28.21
N CYS A 210 2.75 24.80 -26.95
CA CYS A 210 3.84 25.14 -26.05
C CYS A 210 4.74 23.92 -25.75
N ARG A 211 4.48 22.82 -26.47
CA ARG A 211 5.42 21.72 -26.55
C ARG A 211 6.76 22.17 -27.14
N PHE A 212 6.81 23.38 -27.68
CA PHE A 212 8.09 23.95 -28.13
C PHE A 212 9.12 23.89 -27.02
N TYR A 213 8.73 24.27 -25.80
CA TYR A 213 9.63 24.23 -24.66
C TYR A 213 9.26 23.18 -23.61
N CYS A 214 7.96 22.89 -23.40
CA CYS A 214 7.62 21.99 -22.30
C CYS A 214 7.87 20.53 -22.68
N PRO A 215 8.41 19.74 -21.76
CA PRO A 215 8.68 18.33 -22.03
C PRO A 215 7.49 17.38 -21.89
N TYR A 216 6.37 17.83 -21.35
CA TYR A 216 5.26 16.90 -21.12
C TYR A 216 4.76 16.24 -22.40
N PRO A 217 4.53 16.96 -23.51
CA PRO A 217 4.11 16.26 -24.73
C PRO A 217 5.18 15.34 -25.27
N LEU A 218 6.46 15.67 -25.04
CA LEU A 218 7.54 14.81 -25.49
C LEU A 218 7.55 13.50 -24.72
N SER A 219 7.29 13.56 -23.42
CA SER A 219 7.34 12.36 -22.59
C SER A 219 6.07 11.53 -22.77
N GLU A 220 4.94 12.19 -22.98
CA GLU A 220 3.64 11.54 -22.91
C GLU A 220 2.91 11.50 -24.25
N GLY A 221 3.43 12.16 -25.28
CA GLY A 221 2.74 12.19 -26.55
C GLY A 221 1.84 13.41 -26.66
N ARG A 222 1.48 13.73 -27.90
CA ARG A 222 0.66 14.89 -28.14
C ARG A 222 -0.82 14.58 -28.15
N LYS A 223 -1.22 13.36 -27.81
CA LYS A 223 -2.61 12.96 -27.82
C LYS A 223 -3.07 12.73 -26.39
N ILE A 224 -4.23 13.31 -26.04
CA ILE A 224 -4.81 13.05 -24.73
C ILE A 224 -5.32 11.61 -24.70
N ARG A 225 -4.86 10.86 -23.71
CA ARG A 225 -5.31 9.49 -23.49
C ARG A 225 -5.82 9.42 -22.05
N THR A 226 -7.11 9.15 -21.90
CA THR A 226 -7.76 9.22 -20.60
C THR A 226 -7.98 7.85 -20.00
N TYR A 227 -8.04 7.81 -18.72
CA TYR A 227 -8.58 6.63 -18.07
C TYR A 227 -10.09 6.73 -17.95
N PRO A 228 -10.80 5.61 -17.88
CA PRO A 228 -12.22 5.68 -17.60
C PRO A 228 -12.44 6.23 -16.20
N VAL A 229 -13.45 7.10 -16.07
CA VAL A 229 -13.74 7.71 -14.78
C VAL A 229 -13.89 6.65 -13.71
N GLU A 230 -14.45 5.49 -14.06
CA GLU A 230 -14.71 4.48 -13.05
C GLU A 230 -13.42 3.86 -12.53
N ARG A 231 -12.34 3.91 -13.31
CA ARG A 231 -11.05 3.49 -12.78
C ARG A 231 -10.48 4.50 -11.81
N ILE A 232 -10.67 5.80 -12.09
CA ILE A 232 -10.16 6.81 -11.19
C ILE A 232 -10.91 6.75 -9.86
N VAL A 233 -12.23 6.55 -9.93
CA VAL A 233 -13.03 6.37 -8.74
C VAL A 233 -12.57 5.15 -7.97
N ALA A 234 -12.23 4.07 -8.69
CA ALA A 234 -11.69 2.90 -8.03
C ALA A 234 -10.38 3.23 -7.32
N GLU A 235 -9.58 4.11 -7.91
CA GLU A 235 -8.34 4.50 -7.25
C GLU A 235 -8.61 5.29 -5.98
N PHE A 236 -9.62 6.14 -5.98
CA PHE A 236 -9.96 6.90 -4.78
C PHE A 236 -10.43 5.99 -3.67
N ARG A 237 -11.26 5.01 -4.01
CA ARG A 237 -11.64 4.01 -3.01
C ARG A 237 -10.42 3.27 -2.49
N GLN A 238 -9.47 2.95 -3.39
CA GLN A 238 -8.24 2.30 -2.96
C GLN A 238 -7.46 3.16 -1.98
N CYS A 239 -7.41 4.47 -2.23
CA CYS A 239 -6.65 5.35 -1.35
C CYS A 239 -7.30 5.44 0.03
N ALA A 240 -8.63 5.60 0.05
CA ALA A 240 -9.32 5.63 1.34
C ALA A 240 -9.06 4.36 2.11
N GLU A 241 -9.23 3.22 1.44
CA GLU A 241 -9.02 1.93 2.10
C GLU A 241 -7.58 1.77 2.59
N LEU A 242 -6.61 2.30 1.86
CA LEU A 242 -5.23 2.19 2.33
C LEU A 242 -4.88 3.23 3.39
N GLY A 243 -5.68 4.27 3.55
CA GLY A 243 -5.39 5.30 4.53
C GLY A 243 -4.48 6.38 3.97
N ILE A 244 -4.69 6.74 2.73
CA ILE A 244 -3.89 7.77 2.10
C ILE A 244 -4.60 9.11 2.30
N THR A 245 -3.82 10.15 2.59
CA THR A 245 -4.38 11.43 3.01
C THR A 245 -4.70 12.36 1.86
N ALA A 246 -4.12 12.16 0.67
CA ALA A 246 -4.39 13.05 -0.44
C ALA A 246 -3.95 12.37 -1.73
N ALA A 247 -4.55 12.81 -2.84
CA ALA A 247 -4.24 12.28 -4.15
C ALA A 247 -3.96 13.45 -5.08
N VAL A 248 -2.78 13.46 -5.69
CA VAL A 248 -2.36 14.55 -6.55
C VAL A 248 -2.33 14.07 -7.99
N PHE A 249 -3.15 14.69 -8.84
CA PHE A 249 -3.24 14.33 -10.25
C PHE A 249 -2.06 14.91 -11.03
N ARG A 250 -1.38 14.05 -11.79
CA ARG A 250 -0.24 14.46 -12.59
C ARG A 250 -0.60 14.71 -14.04
N ASP A 251 -1.89 14.74 -14.37
CA ASP A 251 -2.32 14.99 -15.74
C ASP A 251 -1.81 16.36 -16.18
N PRO A 252 -1.15 16.46 -17.33
CA PRO A 252 -0.70 17.77 -17.83
C PRO A 252 -1.82 18.79 -17.99
N VAL A 253 -2.97 18.36 -18.52
CA VAL A 253 -4.16 19.20 -18.66
C VAL A 253 -5.33 18.38 -18.12
N PHE A 254 -5.58 18.49 -16.80
CA PHE A 254 -6.53 17.59 -16.14
C PHE A 254 -7.96 17.82 -16.61
N SER A 255 -8.34 19.08 -16.84
CA SER A 255 -9.69 19.45 -17.25
C SER A 255 -9.83 19.67 -18.75
N PHE A 256 -8.99 19.01 -19.55
CA PHE A 256 -9.06 19.14 -21.01
C PHE A 256 -10.49 18.93 -21.51
N HIS A 257 -11.03 17.72 -21.31
CA HIS A 257 -12.42 17.43 -21.65
C HIS A 257 -13.34 17.96 -20.57
N ARG A 258 -14.09 19.02 -20.88
CA ARG A 258 -14.92 19.67 -19.88
C ARG A 258 -15.99 18.73 -19.34
N ASP A 259 -16.79 18.14 -20.23
CA ASP A 259 -17.88 17.27 -19.78
C ASP A 259 -17.34 16.08 -19.01
N ARG A 260 -16.23 15.51 -19.48
CA ARG A 260 -15.62 14.43 -18.73
C ARG A 260 -15.20 14.88 -17.34
N THR A 261 -14.79 16.15 -17.21
CA THR A 261 -14.35 16.64 -15.91
C THR A 261 -15.54 16.77 -14.96
N LEU A 262 -16.65 17.31 -15.46
CA LEU A 262 -17.83 17.41 -14.60
C LEU A 262 -18.37 16.02 -14.23
N GLU A 263 -18.32 15.07 -15.16
CA GLU A 263 -18.78 13.72 -14.85
C GLU A 263 -17.87 13.08 -13.81
N LEU A 264 -16.56 13.28 -13.94
CA LEU A 264 -15.63 12.72 -12.97
C LEU A 264 -15.81 13.37 -11.60
N CYS A 265 -16.16 14.66 -11.57
CA CYS A 265 -16.42 15.32 -10.30
C CYS A 265 -17.66 14.74 -9.62
N GLN A 266 -18.75 14.63 -10.37
CA GLN A 266 -19.97 14.07 -9.79
C GLN A 266 -19.74 12.64 -9.30
N ALA A 267 -19.00 11.84 -10.07
CA ALA A 267 -18.74 10.47 -9.66
C ALA A 267 -17.89 10.43 -8.39
N LEU A 268 -16.89 11.32 -8.30
CA LEU A 268 -16.06 11.34 -7.11
C LEU A 268 -16.85 11.78 -5.89
N LYS A 269 -17.80 12.68 -6.09
CA LYS A 269 -18.66 13.11 -5.00
C LYS A 269 -19.56 11.97 -4.54
N ALA A 270 -20.20 11.28 -5.48
CA ALA A 270 -21.04 10.15 -5.13
C ALA A 270 -20.27 9.08 -4.37
N ALA A 271 -19.00 8.86 -4.73
CA ALA A 271 -18.23 7.82 -4.06
C ALA A 271 -17.94 8.16 -2.59
N ASP A 272 -17.93 9.44 -2.23
CA ASP A 272 -17.68 9.93 -0.88
C ASP A 272 -16.52 9.18 -0.22
N THR A 273 -15.38 9.20 -0.90
CA THR A 273 -14.17 8.57 -0.37
C THR A 273 -13.51 9.41 0.73
N GLY A 274 -13.89 10.68 0.87
CA GLY A 274 -13.20 11.55 1.80
C GLY A 274 -11.72 11.67 1.53
N VAL A 275 -11.31 11.60 0.27
CA VAL A 275 -9.93 11.79 -0.11
C VAL A 275 -9.81 13.15 -0.78
N PRO A 276 -9.08 14.10 -0.20
CA PRO A 276 -8.88 15.38 -0.90
C PRO A 276 -7.82 15.22 -1.99
N TRP A 277 -7.90 16.09 -2.99
CA TRP A 277 -7.06 15.93 -4.16
C TRP A 277 -6.67 17.28 -4.74
N TRP A 278 -5.72 17.22 -5.68
CA TRP A 278 -5.10 18.36 -6.31
C TRP A 278 -4.93 18.04 -7.79
N CYS A 279 -4.95 19.05 -8.65
CA CYS A 279 -4.80 18.77 -10.06
C CYS A 279 -4.06 19.90 -10.77
N GLU A 280 -3.61 19.61 -12.00
CA GLU A 280 -2.90 20.54 -12.85
C GLU A 280 -3.65 20.70 -14.16
N THR A 281 -3.78 21.94 -14.64
CA THR A 281 -4.56 22.15 -15.85
C THR A 281 -4.30 23.56 -16.36
N ARG A 282 -4.81 23.84 -17.56
CA ARG A 282 -4.71 25.14 -18.18
C ARG A 282 -5.83 26.04 -17.69
N ILE A 283 -5.55 27.35 -17.65
CA ILE A 283 -6.56 28.32 -17.25
C ILE A 283 -7.71 28.34 -18.25
N ASP A 284 -7.40 28.20 -19.53
CA ASP A 284 -8.46 28.26 -20.53
C ASP A 284 -9.24 26.96 -20.63
N ARG A 285 -8.95 25.97 -19.79
CA ARG A 285 -9.80 24.80 -19.64
C ARG A 285 -10.52 24.80 -18.29
N LEU A 286 -10.75 25.99 -17.74
CA LEU A 286 -11.47 26.16 -16.48
C LEU A 286 -12.42 27.35 -16.65
N ASP A 287 -13.63 27.21 -16.11
CA ASP A 287 -14.60 28.30 -16.04
C ASP A 287 -15.25 28.21 -14.66
N GLU A 288 -16.20 29.11 -14.36
CA GLU A 288 -16.81 29.11 -13.03
C GLU A 288 -17.46 27.76 -12.71
N GLU A 289 -18.24 27.22 -13.63
CA GLU A 289 -18.92 25.97 -13.36
C GLU A 289 -17.92 24.86 -13.03
N VAL A 290 -16.85 24.74 -13.82
CA VAL A 290 -15.88 23.68 -13.59
C VAL A 290 -15.13 23.89 -12.28
N VAL A 291 -14.86 25.14 -11.91
CA VAL A 291 -14.19 25.40 -10.62
C VAL A 291 -15.11 25.00 -9.47
N ALA A 292 -16.37 25.42 -9.54
CA ALA A 292 -17.33 25.03 -8.52
C ALA A 292 -17.40 23.52 -8.39
N ALA A 293 -17.45 22.82 -9.53
CA ALA A 293 -17.46 21.35 -9.50
C ALA A 293 -16.22 20.81 -8.80
N LEU A 294 -15.05 21.37 -9.09
CA LEU A 294 -13.83 20.85 -8.47
C LEU A 294 -13.83 21.05 -6.97
N VAL A 295 -14.17 22.27 -6.51
CA VAL A 295 -14.20 22.54 -5.08
C VAL A 295 -15.22 21.65 -4.39
N ASP A 296 -16.37 21.46 -5.04
CA ASP A 296 -17.45 20.63 -4.50
C ASP A 296 -17.07 19.15 -4.44
N ALA A 297 -16.26 18.67 -5.38
CA ALA A 297 -15.89 17.26 -5.45
C ALA A 297 -14.73 16.90 -4.52
N GLY A 298 -14.12 17.87 -3.87
CA GLY A 298 -13.03 17.61 -2.96
C GLY A 298 -11.67 18.08 -3.42
N CYS A 299 -11.60 18.84 -4.50
CA CYS A 299 -10.33 19.34 -4.98
C CYS A 299 -9.95 20.60 -4.22
N VAL A 300 -8.78 20.55 -3.57
CA VAL A 300 -8.34 21.66 -2.73
C VAL A 300 -7.77 22.80 -3.57
N GLY A 301 -7.09 22.49 -4.67
CA GLY A 301 -6.47 23.53 -5.47
C GLY A 301 -5.88 22.99 -6.76
N VAL A 302 -5.41 23.93 -7.59
CA VAL A 302 -4.93 23.63 -8.94
C VAL A 302 -3.61 24.37 -9.19
N GLU A 303 -2.78 23.79 -10.04
CA GLU A 303 -1.59 24.45 -10.56
C GLU A 303 -1.89 24.82 -12.00
N VAL A 304 -1.82 26.12 -12.31
CA VAL A 304 -2.10 26.59 -13.66
C VAL A 304 -0.90 27.36 -14.20
N GLY A 305 -0.71 27.27 -15.52
CA GLY A 305 0.41 27.91 -16.19
C GLY A 305 0.16 29.31 -16.72
N VAL A 306 0.86 30.30 -16.15
CA VAL A 306 0.82 31.65 -16.66
C VAL A 306 2.11 32.01 -17.40
N GLU A 307 3.24 31.43 -17.00
CA GLU A 307 4.56 31.55 -17.61
C GLU A 307 5.14 32.95 -17.49
N SER A 308 4.42 33.97 -17.97
CA SER A 308 4.99 35.32 -18.01
C SER A 308 3.92 36.33 -17.62
N GLY A 309 4.38 37.47 -17.09
CA GLY A 309 3.53 38.58 -16.74
C GLY A 309 3.66 39.73 -17.72
N ASP A 310 4.40 39.51 -18.81
CA ASP A 310 4.60 40.53 -19.82
C ASP A 310 3.62 40.29 -20.95
N PRO A 311 2.73 41.24 -21.25
CA PRO A 311 1.74 41.04 -22.33
C PRO A 311 2.31 40.55 -23.64
N ASP A 312 3.41 41.14 -24.11
CA ASP A 312 3.92 40.77 -25.42
C ASP A 312 4.45 39.34 -25.41
N MET A 313 5.03 38.90 -24.30
CA MET A 313 5.45 37.51 -24.19
C MET A 313 4.26 36.58 -24.33
N GLN A 314 3.10 36.98 -23.80
CA GLN A 314 1.91 36.15 -23.91
C GLN A 314 1.46 36.02 -25.36
N ALA A 315 1.54 37.12 -26.12
CA ALA A 315 1.13 37.12 -27.52
C ALA A 315 2.10 36.40 -28.44
N THR A 316 3.25 35.94 -27.93
CA THR A 316 4.26 35.35 -28.80
C THR A 316 4.87 34.10 -28.17
N ALA A 317 5.86 34.29 -27.29
CA ALA A 317 6.70 33.18 -26.87
C ALA A 317 5.97 32.19 -25.97
N VAL A 318 5.00 32.64 -25.17
CA VAL A 318 4.33 31.72 -24.25
C VAL A 318 3.56 30.66 -25.02
N ARG A 319 2.99 31.03 -26.17
CA ARG A 319 2.32 30.09 -27.08
C ARG A 319 1.06 29.48 -26.47
N LYS A 320 0.35 30.25 -25.65
CA LYS A 320 -0.92 29.81 -25.09
C LYS A 320 -2.06 30.72 -25.47
N ARG A 321 -1.78 31.80 -26.20
CA ARG A 321 -2.74 32.88 -26.46
C ARG A 321 -3.51 33.19 -25.19
N LEU A 322 -2.78 33.25 -24.07
CA LEU A 322 -3.36 33.55 -22.77
C LEU A 322 -3.28 35.04 -22.50
N ASN A 323 -4.40 35.65 -22.15
CA ASN A 323 -4.46 37.07 -21.85
C ASN A 323 -4.27 37.30 -20.36
N LEU A 324 -3.54 38.37 -20.02
CA LEU A 324 -3.26 38.62 -18.61
C LEU A 324 -4.51 38.99 -17.83
N ASP A 325 -5.49 39.61 -18.50
CA ASP A 325 -6.74 39.93 -17.84
C ASP A 325 -7.58 38.67 -17.62
N THR A 326 -7.42 37.67 -18.49
CA THR A 326 -8.02 36.36 -18.21
C THR A 326 -7.39 35.73 -16.99
N VAL A 327 -6.06 35.90 -16.81
CA VAL A 327 -5.40 35.41 -15.61
C VAL A 327 -5.96 36.12 -14.38
N ARG A 328 -6.16 37.44 -14.49
CA ARG A 328 -6.71 38.20 -13.36
C ARG A 328 -8.12 37.74 -13.01
N LYS A 329 -8.99 37.62 -14.02
CA LYS A 329 -10.35 37.17 -13.76
C LYS A 329 -10.37 35.77 -13.18
N PHE A 330 -9.50 34.88 -13.67
CA PHE A 330 -9.47 33.54 -13.10
C PHE A 330 -9.00 33.57 -11.65
N HIS A 331 -8.06 34.46 -11.34
CA HIS A 331 -7.63 34.61 -9.95
C HIS A 331 -8.79 35.01 -9.07
N ALA A 332 -9.64 35.92 -9.58
CA ALA A 332 -10.80 36.34 -8.82
C ALA A 332 -11.79 35.20 -8.63
N VAL A 333 -12.08 34.46 -9.70
CA VAL A 333 -13.08 33.40 -9.61
C VAL A 333 -12.59 32.28 -8.69
N ALA A 334 -11.30 32.02 -8.69
CA ALA A 334 -10.76 30.91 -7.92
C ALA A 334 -10.71 31.25 -6.44
N ARG A 335 -10.29 32.48 -6.11
CA ARG A 335 -10.31 32.86 -4.70
C ARG A 335 -11.75 32.99 -4.22
N LYS A 336 -12.64 33.50 -5.07
CA LYS A 336 -14.03 33.66 -4.70
C LYS A 336 -14.74 32.32 -4.55
N ALA A 337 -14.15 31.24 -5.04
CA ALA A 337 -14.74 29.91 -4.86
C ALA A 337 -14.01 29.08 -3.82
N GLY A 338 -12.96 29.60 -3.20
CA GLY A 338 -12.24 28.85 -2.19
C GLY A 338 -11.27 27.82 -2.70
N LEU A 339 -10.92 27.86 -3.99
CA LEU A 339 -9.95 26.95 -4.58
C LEU A 339 -8.55 27.50 -4.36
N LYS A 340 -7.65 26.68 -3.82
CA LYS A 340 -6.27 27.11 -3.69
C LYS A 340 -5.62 27.19 -5.07
N LEU A 341 -4.67 28.11 -5.20
CA LEU A 341 -4.01 28.32 -6.48
C LEU A 341 -2.50 28.27 -6.30
N VAL A 342 -1.84 27.87 -7.38
CA VAL A 342 -0.40 27.99 -7.52
C VAL A 342 -0.18 28.37 -8.98
N PHE A 343 0.32 29.57 -9.22
CA PHE A 343 0.55 30.03 -10.58
C PHE A 343 1.94 29.62 -10.99
N LEU A 344 2.05 29.03 -12.17
CA LEU A 344 3.31 28.52 -12.70
C LEU A 344 3.89 29.53 -13.68
N PHE A 345 5.05 30.08 -13.33
CA PHE A 345 5.76 31.06 -14.14
C PHE A 345 7.06 30.49 -14.66
N LEU A 346 7.54 31.13 -15.73
CA LEU A 346 8.71 30.70 -16.48
C LEU A 346 9.51 31.92 -16.87
N ILE A 347 10.81 31.92 -16.59
CA ILE A 347 11.68 33.03 -16.96
C ILE A 347 12.70 32.53 -17.98
N GLY A 348 12.86 33.31 -19.05
CA GLY A 348 13.90 33.08 -20.04
C GLY A 348 13.50 32.36 -21.32
N LEU A 349 12.25 32.44 -21.74
CA LEU A 349 11.91 31.94 -23.06
C LEU A 349 12.47 32.91 -24.09
N PRO A 350 12.98 32.40 -25.22
CA PRO A 350 13.48 33.32 -26.25
C PRO A 350 12.43 34.37 -26.55
N ARG A 351 12.90 35.60 -26.80
CA ARG A 351 12.17 36.85 -26.96
C ARG A 351 12.05 37.60 -25.64
N GLU A 352 12.43 36.99 -24.52
CA GLU A 352 12.32 37.62 -23.22
C GLU A 352 13.46 38.60 -23.01
N THR A 353 13.15 39.72 -22.40
CA THR A 353 14.10 40.78 -22.07
C THR A 353 14.05 41.02 -20.57
N ARG A 354 14.88 41.96 -20.12
CA ARG A 354 14.89 42.31 -18.70
C ARG A 354 13.53 42.84 -18.26
N MET A 355 13.03 43.84 -18.98
CA MET A 355 11.74 44.43 -18.68
C MET A 355 10.61 43.40 -18.70
N SER A 356 10.75 42.37 -19.54
CA SER A 356 9.78 41.29 -19.54
C SER A 356 9.81 40.53 -18.23
N ILE A 357 11.02 40.15 -17.79
CA ILE A 357 11.18 39.44 -16.53
C ILE A 357 10.64 40.28 -15.37
N ARG A 358 10.95 41.58 -15.42
CA ARG A 358 10.52 42.51 -14.40
C ARG A 358 9.01 42.63 -14.38
N ARG A 359 8.39 42.64 -15.56
CA ARG A 359 6.93 42.69 -15.62
C ARG A 359 6.31 41.40 -15.12
N THR A 360 6.99 40.26 -15.27
CA THR A 360 6.53 39.03 -14.62
C THR A 360 6.51 39.20 -13.10
N PHE A 361 7.64 39.61 -12.52
CA PHE A 361 7.66 39.85 -11.08
C PHE A 361 6.62 40.88 -10.68
N ASP A 362 6.47 41.93 -11.48
CA ASP A 362 5.46 42.96 -11.27
C ASP A 362 4.07 42.34 -11.20
N PHE A 363 3.80 41.37 -12.07
CA PHE A 363 2.49 40.72 -12.08
C PHE A 363 2.30 39.88 -10.83
N ILE A 364 3.35 39.17 -10.41
CA ILE A 364 3.25 38.34 -9.21
C ILE A 364 2.94 39.20 -7.99
N LEU A 365 3.58 40.38 -7.87
CA LEU A 365 3.30 41.22 -6.72
C LEU A 365 1.99 42.00 -6.87
N GLU A 366 1.62 42.33 -8.11
CA GLU A 366 0.33 42.98 -8.37
C GLU A 366 -0.82 42.09 -7.94
N LEU A 367 -0.76 40.81 -8.31
CA LEU A 367 -1.80 39.87 -7.91
C LEU A 367 -1.79 39.63 -6.41
N GLY A 368 -0.65 39.82 -5.77
CA GLY A 368 -0.56 39.62 -4.33
C GLY A 368 -0.59 38.15 -3.97
N LEU A 369 0.33 37.38 -4.54
CA LEU A 369 0.39 35.95 -4.31
C LEU A 369 1.23 35.68 -3.06
N ALA A 370 0.71 34.81 -2.18
CA ALA A 370 1.52 34.34 -1.08
C ALA A 370 2.72 33.56 -1.62
N ASP A 371 3.65 33.26 -0.73
CA ASP A 371 4.84 32.53 -1.14
C ASP A 371 4.50 31.14 -1.64
N THR A 372 3.38 30.59 -1.17
CA THR A 372 2.96 29.24 -1.54
C THR A 372 2.11 29.19 -2.81
N GLU A 373 1.66 30.32 -3.35
CA GLU A 373 0.79 30.32 -4.54
C GLU A 373 1.52 30.70 -5.83
N PHE A 374 2.83 30.52 -5.90
CA PHE A 374 3.47 30.66 -7.21
C PHE A 374 4.74 29.83 -7.20
N ASN A 375 5.19 29.51 -8.42
CA ASN A 375 6.42 28.76 -8.64
C ASN A 375 7.07 29.34 -9.88
N LEU A 376 8.36 29.64 -9.81
CA LEU A 376 9.06 30.21 -10.95
C LEU A 376 10.12 29.22 -11.42
N SER A 377 10.12 28.93 -12.72
CA SER A 377 11.09 28.02 -13.30
C SER A 377 12.05 28.80 -14.18
N VAL A 378 13.26 28.29 -14.27
CA VAL A 378 14.26 28.86 -15.16
C VAL A 378 14.30 28.00 -16.40
N ILE A 379 14.35 28.65 -17.56
CA ILE A 379 14.21 27.94 -18.82
C ILE A 379 15.34 26.91 -18.94
N THR A 380 14.97 25.64 -19.04
CA THR A 380 15.94 24.56 -19.25
C THR A 380 15.62 23.83 -20.54
N PRO A 381 16.55 23.76 -21.50
CA PRO A 381 16.26 23.11 -22.79
C PRO A 381 16.26 21.59 -22.71
N TYR A 382 15.09 20.98 -22.58
CA TYR A 382 15.00 19.53 -22.44
C TYR A 382 15.26 18.83 -23.77
N PRO A 383 16.21 17.88 -23.81
CA PRO A 383 16.50 17.16 -25.08
C PRO A 383 15.26 16.51 -25.65
N GLY A 384 15.00 16.77 -26.92
CA GLY A 384 13.82 16.30 -27.61
C GLY A 384 12.82 17.40 -27.97
N THR A 385 12.88 18.53 -27.29
CA THR A 385 12.07 19.69 -27.62
C THR A 385 12.76 20.53 -28.68
N GLU A 386 11.94 21.25 -29.47
CA GLU A 386 12.49 22.11 -30.51
C GLU A 386 13.43 23.16 -29.92
N LEU A 387 13.14 23.63 -28.72
CA LEU A 387 13.96 24.67 -28.12
C LEU A 387 15.37 24.16 -27.83
N HIS A 388 15.51 22.87 -27.48
CA HIS A 388 16.84 22.34 -27.20
C HIS A 388 17.70 22.30 -28.46
N GLN A 389 17.09 21.96 -29.59
CA GLN A 389 17.85 21.92 -30.85
C GLN A 389 18.19 23.33 -31.33
N ILE A 390 17.26 24.28 -31.18
CA ILE A 390 17.60 25.66 -31.52
C ILE A 390 18.67 26.19 -30.59
N ALA A 391 18.65 25.75 -29.33
CA ALA A 391 19.66 26.18 -28.37
C ALA A 391 21.03 25.59 -28.70
N VAL A 392 21.07 24.36 -29.23
CA VAL A 392 22.34 23.79 -29.66
C VAL A 392 22.87 24.54 -30.88
N ASP A 393 22.04 24.71 -31.90
CA ASP A 393 22.46 25.40 -33.12
C ASP A 393 22.83 26.86 -32.90
N LYS A 394 22.62 27.41 -31.71
CA LYS A 394 22.96 28.80 -31.43
C LYS A 394 23.99 28.93 -30.32
N GLY A 395 24.60 27.83 -29.91
CA GLY A 395 25.50 27.83 -28.77
C GLY A 395 24.91 28.57 -27.59
N TRP A 396 23.79 28.07 -27.08
CA TRP A 396 23.02 28.75 -26.05
C TRP A 396 23.18 28.10 -24.69
N ILE A 397 23.58 26.84 -24.63
CA ILE A 397 23.58 26.07 -23.40
C ILE A 397 24.95 26.20 -22.76
N ASP A 398 25.01 26.87 -21.62
CA ASP A 398 26.27 27.07 -20.91
C ASP A 398 26.48 26.09 -19.77
N GLY A 399 25.39 25.57 -19.21
CA GLY A 399 25.50 24.63 -18.13
C GLY A 399 25.54 23.19 -18.59
N SER A 400 25.93 22.32 -17.67
CA SER A 400 25.90 20.90 -17.95
C SER A 400 24.54 20.33 -17.54
N GLN A 401 24.21 19.18 -18.11
CA GLN A 401 22.90 18.58 -17.94
C GLN A 401 22.67 18.16 -16.49
N ASN A 402 23.72 17.94 -15.72
CA ASN A 402 23.53 17.60 -14.31
C ASN A 402 23.12 18.83 -13.50
N ALA A 403 22.95 19.97 -14.18
CA ALA A 403 22.34 21.15 -13.62
C ALA A 403 21.11 21.54 -14.42
N PHE A 404 20.57 20.60 -15.22
CA PHE A 404 19.30 20.83 -15.89
C PHE A 404 18.21 20.72 -14.85
N THR A 405 18.42 21.47 -13.77
CA THR A 405 17.48 21.61 -12.69
C THR A 405 16.44 22.61 -13.16
N SER A 406 15.20 22.37 -12.84
CA SER A 406 14.29 23.31 -13.48
C SER A 406 14.41 24.73 -12.91
N HIS A 407 15.40 24.92 -12.05
CA HIS A 407 15.64 26.16 -11.36
C HIS A 407 17.06 26.69 -11.49
N ASN A 408 17.93 26.05 -12.28
CA ASN A 408 19.28 26.56 -12.51
C ASN A 408 19.33 27.22 -13.88
N ALA A 409 19.76 28.48 -13.92
CA ALA A 409 20.07 29.15 -15.18
C ALA A 409 21.18 28.41 -15.92
N VAL A 410 20.87 27.78 -17.05
CA VAL A 410 21.81 26.93 -17.75
C VAL A 410 21.87 27.23 -19.23
N MET A 411 21.05 28.15 -19.73
CA MET A 411 21.10 28.55 -21.12
C MET A 411 20.72 30.01 -21.20
N HIS A 412 21.33 30.70 -22.16
CA HIS A 412 21.03 32.09 -22.47
C HIS A 412 20.30 32.16 -23.80
N THR A 413 19.67 33.28 -24.08
CA THR A 413 18.98 33.46 -25.35
C THR A 413 19.80 34.38 -26.24
N ASP A 414 19.18 34.83 -27.33
CA ASP A 414 19.79 35.87 -28.15
C ASP A 414 19.57 37.26 -27.58
N GLU A 415 18.77 37.37 -26.52
CA GLU A 415 18.46 38.66 -25.91
C GLU A 415 18.89 38.74 -24.46
N LEU A 416 19.34 37.64 -23.87
CA LEU A 416 19.67 37.55 -22.46
C LEU A 416 20.93 36.71 -22.30
N SER A 417 21.83 37.17 -21.44
CA SER A 417 23.08 36.48 -21.12
C SER A 417 22.91 35.68 -19.84
N ILE A 418 23.72 34.62 -19.70
CA ILE A 418 23.64 33.82 -18.47
C ILE A 418 23.88 34.66 -17.23
N GLY A 419 24.50 35.83 -17.36
CA GLY A 419 24.60 36.72 -16.21
C GLY A 419 23.27 37.34 -15.87
N ASP A 420 22.49 37.70 -16.90
CA ASP A 420 21.15 38.23 -16.68
C ASP A 420 20.22 37.15 -16.15
N LEU A 421 20.34 35.94 -16.70
CA LEU A 421 19.45 34.86 -16.29
C LEU A 421 19.83 34.30 -14.93
N GLU A 422 21.13 34.26 -14.62
CA GLU A 422 21.55 33.86 -13.30
C GLU A 422 21.15 34.91 -12.26
N ARG A 423 21.21 36.19 -12.64
CA ARG A 423 20.73 37.23 -11.75
C ARG A 423 19.25 37.07 -11.46
N ALA A 424 18.45 36.81 -12.49
CA ALA A 424 17.01 36.56 -12.28
C ALA A 424 16.80 35.29 -11.45
N SER A 425 17.54 34.23 -11.79
CA SER A 425 17.56 32.99 -11.02
C SER A 425 17.70 33.24 -9.52
N ARG A 426 18.55 34.20 -9.14
CA ARG A 426 18.64 34.54 -7.72
C ARG A 426 17.52 35.46 -7.27
N PHE A 427 17.05 36.33 -8.17
CA PHE A 427 15.89 37.17 -7.88
C PHE A 427 14.65 36.34 -7.52
N VAL A 428 14.57 35.07 -7.93
CA VAL A 428 13.38 34.31 -7.52
C VAL A 428 13.49 33.89 -6.05
N ASP A 429 14.69 33.53 -5.61
CA ASP A 429 14.91 33.31 -4.18
C ASP A 429 14.61 34.57 -3.39
N GLU A 430 15.01 35.73 -3.95
CA GLU A 430 14.66 36.99 -3.31
C GLU A 430 13.15 37.17 -3.25
N LEU A 431 12.44 36.81 -4.32
CA LEU A 431 11.00 37.01 -4.33
C LEU A 431 10.30 36.13 -3.32
N HIS A 432 10.77 34.89 -3.14
CA HIS A 432 10.17 34.03 -2.12
C HIS A 432 10.42 34.58 -0.72
N ALA A 433 11.68 34.85 -0.39
CA ALA A 433 11.98 35.39 0.94
C ALA A 433 11.20 36.66 1.21
N VAL A 434 11.09 37.52 0.19
CA VAL A 434 10.45 38.82 0.33
C VAL A 434 8.94 38.69 0.42
N CYS A 435 8.37 37.64 -0.19
CA CYS A 435 6.93 37.41 -0.04
C CYS A 435 6.59 36.82 1.32
N LYS A 436 7.52 36.06 1.91
CA LYS A 436 7.35 35.64 3.30
C LYS A 436 7.32 36.84 4.24
N ALA A 437 8.11 37.87 3.96
CA ALA A 437 8.17 39.05 4.83
C ALA A 437 7.03 40.03 4.55
N GLY A 438 7.18 41.26 5.02
CA GLY A 438 6.14 42.25 4.95
C GLY A 438 6.25 43.21 3.79
N PRO A 439 5.36 44.20 3.73
CA PRO A 439 5.36 45.15 2.60
C PRO A 439 6.67 45.90 2.43
N ALA A 440 7.48 46.03 3.49
CA ALA A 440 8.70 46.82 3.37
C ALA A 440 9.76 46.11 2.53
N GLU A 441 9.83 44.78 2.61
CA GLU A 441 10.76 44.06 1.76
C GLU A 441 10.29 44.03 0.31
N ARG A 442 8.98 43.94 0.06
CA ARG A 442 8.44 43.86 -1.29
C ARG A 442 8.59 45.16 -2.07
N ALA A 443 8.55 46.31 -1.40
CA ALA A 443 8.80 47.56 -2.10
C ALA A 443 10.29 47.76 -2.41
N GLU A 444 11.18 47.26 -1.56
CA GLU A 444 12.60 47.39 -1.86
C GLU A 444 13.08 46.33 -2.83
N PHE A 445 12.41 45.19 -2.89
CA PHE A 445 12.68 44.23 -3.97
C PHE A 445 12.14 44.79 -5.28
N GLN A 446 10.95 45.39 -5.25
CA GLN A 446 10.39 45.98 -6.45
C GLN A 446 11.25 47.15 -6.94
N ALA A 447 11.93 47.84 -6.02
CA ALA A 447 12.88 48.87 -6.44
C ALA A 447 14.08 48.26 -7.15
N ARG A 448 14.66 47.20 -6.60
CA ARG A 448 15.80 46.55 -7.22
C ARG A 448 15.48 46.07 -8.62
N VAL A 449 14.33 45.44 -8.80
CA VAL A 449 14.01 44.88 -10.10
C VAL A 449 13.87 45.98 -11.14
N HIS A 450 13.21 47.08 -10.77
CA HIS A 450 13.14 48.24 -11.67
C HIS A 450 14.53 48.73 -12.05
N ALA A 451 15.39 48.94 -11.05
CA ALA A 451 16.73 49.45 -11.33
C ALA A 451 17.53 48.49 -12.20
N TRP A 452 17.41 47.19 -11.96
CA TRP A 452 18.12 46.19 -12.75
C TRP A 452 17.55 46.11 -14.16
N SER A 453 16.25 46.33 -14.34
CA SER A 453 15.64 46.24 -15.66
C SER A 453 15.97 47.45 -16.51
N THR A 454 16.17 48.62 -15.89
CA THR A 454 16.43 49.83 -16.67
C THR A 454 17.87 49.88 -17.17
N GLY A 455 18.81 50.24 -16.29
CA GLY A 455 20.23 50.35 -16.57
C GLY A 455 20.81 49.61 -17.77
N ASP A 456 20.56 48.30 -17.85
CA ASP A 456 21.08 47.43 -18.91
C ASP A 456 22.60 47.58 -19.04
N ALA A 457 23.29 47.03 -18.03
CA ALA A 457 24.76 47.00 -18.02
C ALA A 457 25.27 45.89 -18.93
N MET B 4 21.38 -32.65 6.06
CA MET B 4 20.81 -33.90 5.54
C MET B 4 20.72 -34.99 6.62
N ARG B 5 20.43 -34.59 7.86
CA ARG B 5 20.51 -35.50 9.00
C ARG B 5 19.75 -34.98 10.22
N LEU B 6 18.44 -35.18 10.29
CA LEU B 6 17.65 -34.60 11.37
C LEU B 6 17.36 -35.54 12.52
N GLY B 7 16.95 -36.77 12.26
CA GLY B 7 16.56 -37.67 13.32
C GLY B 7 15.12 -37.44 13.75
N THR B 8 14.76 -38.01 14.90
CA THR B 8 13.39 -37.93 15.38
C THR B 8 13.00 -36.50 15.69
N VAL B 9 11.80 -36.10 15.25
CA VAL B 9 11.25 -34.78 15.55
C VAL B 9 9.78 -34.91 15.93
N LEU B 10 9.38 -34.22 17.00
CA LEU B 10 8.01 -34.24 17.49
C LEU B 10 7.50 -32.81 17.62
N LEU B 11 6.47 -32.48 16.86
CA LEU B 11 5.84 -31.17 16.89
C LEU B 11 4.55 -31.26 17.70
N VAL B 12 4.39 -30.39 18.69
CA VAL B 12 3.31 -30.50 19.66
C VAL B 12 2.61 -29.16 19.81
N SER B 13 1.29 -29.16 19.74
CA SER B 13 0.50 -28.04 20.21
C SER B 13 0.11 -28.33 21.66
N PRO B 14 0.77 -27.70 22.64
CA PRO B 14 0.67 -28.17 24.02
C PRO B 14 -0.72 -27.97 24.60
N LYS B 15 -0.93 -28.60 25.76
CA LYS B 15 -2.20 -28.51 26.46
C LYS B 15 -2.21 -27.32 27.41
N THR B 16 -3.39 -26.73 27.60
CA THR B 16 -3.59 -25.59 28.49
C THR B 16 -4.90 -25.76 29.23
N SER B 17 -5.08 -24.96 30.29
CA SER B 17 -6.34 -24.93 31.03
C SER B 17 -7.49 -24.40 30.18
N PHE B 18 -7.21 -23.86 29.00
CA PHE B 18 -8.25 -23.32 28.14
C PHE B 18 -8.98 -24.43 27.40
N GLY B 19 -8.36 -25.61 27.27
CA GLY B 19 -8.99 -26.69 26.57
C GLY B 19 -8.89 -26.48 25.07
N ARG B 20 -9.92 -26.91 24.35
CA ARG B 20 -10.00 -26.67 22.92
C ARG B 20 -10.65 -25.34 22.61
N ASP B 21 -11.02 -24.57 23.63
CA ASP B 21 -11.42 -23.20 23.43
C ASP B 21 -10.24 -22.31 23.06
N LEU B 22 -9.01 -22.75 23.29
CA LEU B 22 -7.84 -22.04 22.77
C LEU B 22 -7.60 -22.43 21.32
N GLN B 23 -7.68 -21.45 20.42
CA GLN B 23 -7.46 -21.67 19.00
C GLN B 23 -6.24 -20.86 18.58
N ARG B 24 -5.09 -21.52 18.52
CA ARG B 24 -3.82 -20.80 18.37
C ARG B 24 -3.66 -20.13 17.01
N THR B 25 -4.46 -20.50 16.01
CA THR B 25 -4.31 -19.90 14.69
C THR B 25 -4.86 -18.48 14.62
N TYR B 26 -5.82 -18.13 15.49
CA TYR B 26 -6.52 -16.86 15.34
C TYR B 26 -5.76 -15.72 16.00
N ALA B 27 -6.26 -14.51 15.75
CA ALA B 27 -5.60 -13.26 16.14
C ALA B 27 -4.13 -13.29 15.74
N GLY B 28 -3.92 -13.35 14.43
CA GLY B 28 -2.56 -13.42 13.90
C GLY B 28 -1.71 -14.51 14.49
N GLY B 29 -2.31 -15.69 14.70
CA GLY B 29 -1.53 -16.77 15.30
C GLY B 29 -1.17 -16.56 16.75
N LEU B 30 -1.67 -15.50 17.39
CA LEU B 30 -1.49 -15.30 18.82
C LEU B 30 -2.54 -16.00 19.65
N GLY B 31 -3.59 -16.53 19.00
CA GLY B 31 -4.60 -17.31 19.69
C GLY B 31 -5.79 -16.53 20.18
N THR B 32 -6.99 -17.06 19.94
CA THR B 32 -8.19 -16.61 20.62
C THR B 32 -8.76 -17.73 21.47
N VAL B 33 -9.44 -17.33 22.54
CA VAL B 33 -10.05 -18.27 23.49
C VAL B 33 -11.48 -17.81 23.70
N CYS B 34 -12.43 -18.63 23.29
CA CYS B 34 -13.83 -18.22 23.28
C CYS B 34 -14.71 -19.31 23.90
N LYS B 35 -16.00 -18.99 24.01
CA LYS B 35 -16.94 -19.74 24.84
C LYS B 35 -17.78 -20.68 24.00
N ASP B 36 -17.90 -21.94 24.46
CA ASP B 36 -18.56 -22.99 23.69
C ASP B 36 -17.97 -23.04 22.30
N GLU B 37 -16.64 -23.09 22.24
CA GLU B 37 -15.88 -23.01 21.00
C GLU B 37 -16.18 -24.18 20.08
N ASP B 38 -16.83 -23.90 18.97
CA ASP B 38 -17.14 -24.91 17.97
C ASP B 38 -16.31 -24.79 16.69
N PHE B 39 -15.40 -23.82 16.60
CA PHE B 39 -14.49 -23.70 15.45
C PHE B 39 -13.14 -24.30 15.83
N LEU B 40 -13.02 -25.62 15.69
CA LEU B 40 -11.84 -26.36 16.11
C LEU B 40 -11.00 -26.73 14.88
N LEU B 41 -9.87 -26.04 14.72
CA LEU B 41 -9.02 -26.17 13.55
C LEU B 41 -7.76 -26.97 13.86
N PRO B 42 -7.15 -27.59 12.85
CA PRO B 42 -5.96 -28.42 13.10
C PRO B 42 -4.72 -27.57 13.17
N PRO B 43 -3.56 -28.14 13.63
CA PRO B 43 -2.32 -27.33 13.75
C PRO B 43 -1.66 -27.14 12.38
N LEU B 44 -2.23 -26.22 11.61
CA LEU B 44 -1.77 -26.03 10.23
C LEU B 44 -0.28 -25.72 10.18
N ASP B 45 0.19 -24.78 11.01
CA ASP B 45 1.59 -24.38 10.97
C ASP B 45 2.51 -25.55 11.29
N LEU B 46 2.15 -26.35 12.29
CA LEU B 46 2.90 -27.58 12.55
C LEU B 46 2.89 -28.50 11.33
N MET B 47 1.77 -28.53 10.60
CA MET B 47 1.69 -29.42 9.44
C MET B 47 2.56 -28.93 8.29
N ARG B 48 2.62 -27.61 8.06
CA ARG B 48 3.53 -27.09 7.05
C ARG B 48 4.97 -27.32 7.44
N LEU B 49 5.29 -27.12 8.72
CA LEU B 49 6.64 -27.40 9.20
C LEU B 49 7.02 -28.86 8.94
N ALA B 50 6.10 -29.78 9.26
CA ALA B 50 6.34 -31.18 8.92
C ALA B 50 6.50 -31.36 7.42
N GLY B 51 5.78 -30.57 6.63
CA GLY B 51 5.90 -30.66 5.19
C GLY B 51 7.27 -30.29 4.68
N VAL B 52 7.92 -29.32 5.34
CA VAL B 52 9.25 -28.91 4.90
C VAL B 52 10.35 -29.77 5.52
N LEU B 53 10.11 -30.33 6.70
CA LEU B 53 11.10 -31.12 7.42
C LEU B 53 11.14 -32.59 7.02
N ARG B 54 9.99 -33.15 6.62
CA ARG B 54 9.89 -34.59 6.39
C ARG B 54 10.95 -35.12 5.43
N GLU B 55 11.48 -34.28 4.53
CA GLU B 55 12.45 -34.76 3.56
C GLU B 55 13.73 -35.24 4.25
N ASP B 56 14.24 -34.48 5.21
CA ASP B 56 15.52 -34.78 5.83
C ASP B 56 15.38 -35.31 7.25
N ALA B 57 14.21 -35.82 7.61
CA ALA B 57 13.96 -36.35 8.94
C ALA B 57 13.64 -37.82 8.86
N ASP B 58 14.35 -38.63 9.67
CA ASP B 58 14.01 -40.04 9.78
C ASP B 58 12.58 -40.21 10.32
N ASP B 59 12.23 -39.44 11.35
CA ASP B 59 10.93 -39.53 11.98
C ASP B 59 10.41 -38.13 12.24
N ILE B 60 9.09 -37.97 12.10
CA ILE B 60 8.44 -36.67 12.31
C ILE B 60 7.01 -36.96 12.75
N ALA B 61 6.54 -36.25 13.78
CA ALA B 61 5.18 -36.48 14.26
C ALA B 61 4.53 -35.19 14.72
N ILE B 62 3.21 -35.22 14.87
CA ILE B 62 2.42 -34.06 15.29
C ILE B 62 1.42 -34.51 16.36
N ALA B 63 1.33 -33.75 17.45
CA ALA B 63 0.48 -34.08 18.59
C ALA B 63 -0.31 -32.85 19.01
N ASP B 64 -1.61 -32.85 18.71
CA ASP B 64 -2.55 -31.84 19.22
C ASP B 64 -3.06 -32.40 20.53
N GLU B 65 -2.35 -32.08 21.61
CA GLU B 65 -2.56 -32.75 22.89
C GLU B 65 -3.98 -32.58 23.42
N GLU B 66 -4.67 -31.50 23.05
CA GLU B 66 -6.08 -31.39 23.41
C GLU B 66 -6.95 -32.43 22.72
N VAL B 67 -6.39 -33.18 21.77
CA VAL B 67 -7.08 -34.20 20.99
C VAL B 67 -6.40 -35.54 21.20
N THR B 68 -5.11 -35.61 20.86
CA THR B 68 -4.34 -36.84 21.04
C THR B 68 -4.23 -37.22 22.50
N GLY B 69 -4.21 -36.23 23.37
CA GLY B 69 -3.89 -36.49 24.76
C GLY B 69 -2.47 -36.02 25.03
N VAL B 70 -2.19 -35.69 26.29
CA VAL B 70 -0.87 -35.20 26.62
C VAL B 70 0.16 -36.25 26.25
N VAL B 71 1.20 -35.84 25.54
CA VAL B 71 2.28 -36.77 25.24
C VAL B 71 2.90 -37.07 26.60
N PRO B 72 2.97 -38.34 27.01
CA PRO B 72 3.45 -38.65 28.37
C PRO B 72 4.88 -38.18 28.58
N SER B 73 5.79 -38.64 27.72
CA SER B 73 7.17 -38.18 27.75
C SER B 73 7.83 -38.56 26.44
N VAL B 74 9.06 -38.08 26.26
CA VAL B 74 9.85 -38.33 25.06
C VAL B 74 11.25 -38.73 25.51
N GLU B 75 12.03 -39.31 24.57
CA GLU B 75 13.41 -39.71 24.86
C GLU B 75 14.38 -38.56 24.61
N PRO B 76 15.35 -38.40 25.51
CA PRO B 76 16.36 -37.36 25.32
C PRO B 76 17.20 -37.64 24.09
N GLY B 77 17.38 -36.60 23.30
CA GLY B 77 18.09 -36.67 22.03
C GLY B 77 17.24 -36.20 20.88
N THR B 78 15.93 -36.19 21.08
CA THR B 78 14.95 -35.86 20.06
C THR B 78 14.61 -34.38 20.11
N THR B 79 14.29 -33.83 18.94
CA THR B 79 13.89 -32.43 18.84
C THR B 79 12.40 -32.27 19.17
N VAL B 80 12.07 -31.23 19.92
CA VAL B 80 10.68 -30.92 20.25
C VAL B 80 10.41 -29.47 19.90
N ILE B 81 9.35 -29.23 19.13
CA ILE B 81 8.93 -27.89 18.74
C ILE B 81 7.54 -27.68 19.33
N CYS B 82 7.42 -26.67 20.19
CA CYS B 82 6.15 -26.37 20.84
C CYS B 82 5.57 -25.08 20.29
N HIS B 83 4.24 -25.01 20.28
CA HIS B 83 3.50 -23.88 19.76
C HIS B 83 3.04 -23.01 20.92
N VAL B 84 3.65 -21.82 21.05
CA VAL B 84 3.36 -20.91 22.15
C VAL B 84 2.43 -19.81 21.64
N SER B 85 1.30 -19.64 22.32
CA SER B 85 0.33 -18.60 22.00
C SER B 85 0.55 -17.40 22.93
N LEU B 86 -0.37 -16.44 22.90
CA LEU B 86 -0.24 -15.30 23.79
C LEU B 86 -0.99 -15.53 25.10
N PRO B 87 -2.30 -15.79 25.09
CA PRO B 87 -3.02 -15.94 26.37
C PRO B 87 -2.66 -17.22 27.11
N SER B 88 -1.70 -18.00 26.60
CA SER B 88 -1.28 -19.23 27.23
C SER B 88 0.23 -19.38 27.21
N LEU B 89 0.97 -18.28 27.10
CA LEU B 89 2.42 -18.36 27.09
C LEU B 89 2.94 -18.91 28.42
N LEU B 90 2.24 -18.64 29.51
CA LEU B 90 2.66 -19.20 30.80
C LEU B 90 2.43 -20.70 30.86
N GLU B 91 1.20 -21.16 30.57
CA GLU B 91 0.92 -22.59 30.57
C GLU B 91 1.80 -23.35 29.57
N ASP B 92 2.07 -22.74 28.42
CA ASP B 92 2.91 -23.39 27.41
C ASP B 92 4.38 -23.35 27.78
N ALA B 93 4.79 -22.37 28.59
CA ALA B 93 6.13 -22.41 29.14
C ALA B 93 6.29 -23.59 30.09
N GLU B 94 5.22 -23.95 30.80
CA GLU B 94 5.25 -25.12 31.68
C GLU B 94 5.35 -26.41 30.89
N ARG B 95 4.62 -26.53 29.78
CA ARG B 95 4.74 -27.73 28.95
C ARG B 95 6.12 -27.79 28.30
N LEU B 96 6.67 -26.64 27.92
CA LEU B 96 7.99 -26.62 27.31
C LEU B 96 9.09 -26.95 28.32
N ALA B 97 8.96 -26.46 29.55
CA ALA B 97 9.90 -26.87 30.58
C ALA B 97 9.70 -28.32 30.96
N THR B 98 8.48 -28.85 30.83
CA THR B 98 8.24 -30.26 31.06
C THR B 98 9.05 -31.09 30.07
N PHE B 99 8.99 -30.73 28.79
CA PHE B 99 9.84 -31.40 27.82
C PHE B 99 11.31 -31.10 28.06
N ARG B 100 11.62 -29.94 28.66
CA ARG B 100 13.00 -29.61 29.00
C ARG B 100 13.61 -30.64 29.93
N ALA B 101 12.85 -31.09 30.94
CA ALA B 101 13.36 -32.06 31.90
C ALA B 101 13.52 -33.45 31.32
N GLN B 102 13.03 -33.69 30.11
CA GLN B 102 13.15 -34.98 29.45
C GLN B 102 14.29 -35.00 28.43
N GLY B 103 15.29 -34.14 28.60
CA GLY B 103 16.51 -34.17 27.80
C GLY B 103 16.30 -33.86 26.34
N ALA B 104 15.15 -33.32 25.97
CA ALA B 104 14.86 -32.99 24.59
C ALA B 104 15.43 -31.63 24.21
N ARG B 105 16.01 -31.55 23.02
CA ARG B 105 16.45 -30.28 22.45
C ARG B 105 15.18 -29.50 22.09
N CYS B 106 14.63 -28.82 23.09
CA CYS B 106 13.36 -28.15 22.91
C CYS B 106 13.53 -26.93 22.00
N TYR B 107 12.54 -26.70 21.16
CA TYR B 107 12.41 -25.52 20.30
C TYR B 107 11.02 -24.95 20.51
N ALA B 108 10.81 -23.73 20.03
CA ALA B 108 9.51 -23.10 20.13
C ALA B 108 9.15 -22.41 18.83
N TYR B 109 7.87 -22.55 18.44
CA TYR B 109 7.29 -21.83 17.31
C TYR B 109 6.17 -20.95 17.83
N THR B 110 6.13 -19.70 17.40
CA THR B 110 5.17 -18.76 17.94
C THR B 110 4.95 -17.62 16.95
N SER B 111 3.82 -16.93 17.14
CA SER B 111 3.52 -15.70 16.43
C SER B 111 3.73 -14.47 17.29
N ILE B 112 4.19 -14.65 18.53
CA ILE B 112 4.40 -13.52 19.42
C ILE B 112 5.64 -12.76 18.96
N ARG B 113 5.44 -11.52 18.53
CA ARG B 113 6.53 -10.64 18.14
C ARG B 113 6.74 -9.58 19.22
N SER B 114 7.23 -10.05 20.37
CA SER B 114 7.48 -9.19 21.52
C SER B 114 8.73 -9.74 22.18
N PRO B 115 9.90 -9.14 21.92
CA PRO B 115 11.15 -9.67 22.49
C PRO B 115 11.15 -9.79 24.00
N ALA B 116 10.33 -9.02 24.71
CA ALA B 116 10.17 -9.22 26.14
C ALA B 116 9.70 -10.64 26.45
N GLN B 117 8.76 -11.15 25.65
CA GLN B 117 8.18 -12.48 25.88
C GLN B 117 9.07 -13.61 25.39
N TRP B 118 9.91 -13.38 24.37
CA TRP B 118 10.83 -14.41 23.92
C TRP B 118 11.74 -14.89 25.04
N ARG B 119 12.28 -13.96 25.82
CA ARG B 119 13.19 -14.34 26.89
C ARG B 119 12.48 -15.11 27.99
N THR B 120 11.17 -14.90 28.16
CA THR B 120 10.42 -15.76 29.09
C THR B 120 10.47 -17.22 28.66
N LEU B 121 10.54 -17.47 27.35
CA LEU B 121 10.66 -18.82 26.85
C LEU B 121 12.10 -19.33 26.92
N PHE B 122 13.09 -18.44 26.74
CA PHE B 122 14.46 -18.91 26.87
C PHE B 122 14.81 -19.21 28.32
N GLU B 123 14.16 -18.53 29.27
CA GLU B 123 14.45 -18.72 30.70
C GLU B 123 13.54 -19.80 31.31
N ARG B 124 12.25 -19.48 31.48
CA ARG B 124 11.34 -20.44 32.09
C ARG B 124 11.25 -21.72 31.27
N GLY B 125 11.08 -21.58 29.95
CA GLY B 125 11.02 -22.77 29.11
C GLY B 125 12.39 -23.37 28.94
N GLY B 126 13.42 -22.53 28.94
CA GLY B 126 14.79 -22.97 28.73
C GLY B 126 14.88 -23.56 27.35
N CYS B 127 14.38 -22.80 26.36
CA CYS B 127 14.27 -23.27 25.00
C CYS B 127 15.44 -22.79 24.16
N GLU B 128 16.06 -23.74 23.44
CA GLU B 128 17.14 -23.48 22.49
C GLU B 128 16.84 -22.27 21.62
N GLY B 129 15.85 -22.40 20.72
CA GLY B 129 15.50 -21.33 19.80
C GLY B 129 14.00 -21.13 19.73
N VAL B 130 13.62 -20.03 19.10
CA VAL B 130 12.20 -19.66 18.93
C VAL B 130 11.96 -19.42 17.45
N LEU B 131 10.97 -20.14 16.89
CA LEU B 131 10.68 -20.13 15.46
C LEU B 131 9.44 -19.30 15.17
N LEU B 132 9.52 -18.49 14.13
CA LEU B 132 8.46 -17.58 13.72
C LEU B 132 8.07 -17.91 12.29
N PRO B 133 6.89 -17.43 11.82
CA PRO B 133 6.42 -17.76 10.46
C PRO B 133 7.47 -17.74 9.35
N GLU B 134 8.24 -16.64 9.27
CA GLU B 134 9.26 -16.50 8.22
C GLU B 134 10.17 -17.71 8.11
N SER B 135 10.37 -18.42 9.23
CA SER B 135 11.31 -19.53 9.28
C SER B 135 10.79 -20.78 8.60
N ILE B 136 9.47 -20.93 8.45
CA ILE B 136 8.91 -22.18 7.93
C ILE B 136 9.57 -22.56 6.61
N SER B 137 9.66 -21.61 5.68
CA SER B 137 10.25 -21.88 4.38
C SER B 137 11.69 -22.37 4.52
N PHE B 138 12.43 -21.82 5.49
CA PHE B 138 13.81 -22.19 5.76
C PHE B 138 13.95 -23.12 6.96
N ALA B 139 12.85 -23.78 7.37
CA ALA B 139 12.85 -24.54 8.61
C ALA B 139 13.92 -25.60 8.68
N ARG B 140 14.52 -25.95 7.54
CA ARG B 140 15.61 -26.93 7.56
C ARG B 140 16.88 -26.32 8.15
N ALA B 141 17.31 -25.17 7.61
CA ALA B 141 18.53 -24.53 8.09
C ALA B 141 18.44 -24.22 9.57
N ALA B 142 17.31 -23.67 10.00
CA ALA B 142 17.01 -23.42 11.41
C ALA B 142 17.42 -24.59 12.31
N LEU B 143 17.16 -25.82 11.87
CA LEU B 143 17.51 -26.98 12.68
C LEU B 143 18.92 -27.50 12.45
N ALA B 144 19.65 -26.97 11.46
CA ALA B 144 21.09 -27.23 11.42
C ALA B 144 21.86 -26.32 12.37
N GLY B 145 21.24 -25.23 12.84
CA GLY B 145 21.90 -24.28 13.72
C GLY B 145 22.13 -22.93 13.08
N ASP B 146 22.06 -22.85 11.75
CA ASP B 146 22.28 -21.62 10.99
C ASP B 146 21.36 -20.51 11.47
N HIS B 147 21.87 -19.26 11.40
CA HIS B 147 21.11 -18.07 11.75
C HIS B 147 21.03 -17.01 10.66
N THR B 148 21.65 -17.22 9.49
CA THR B 148 21.31 -16.37 8.36
C THR B 148 19.99 -16.80 7.75
N VAL B 149 19.32 -17.77 8.37
CA VAL B 149 18.01 -18.23 7.95
C VAL B 149 17.00 -17.41 8.74
N PRO B 150 16.05 -16.75 8.10
CA PRO B 150 15.11 -15.90 8.82
C PRO B 150 14.13 -16.69 9.68
N GLY B 151 13.58 -16.01 10.69
CA GLY B 151 12.51 -16.55 11.50
C GLY B 151 12.91 -17.32 12.74
N LEU B 152 14.19 -17.62 12.94
CA LEU B 152 14.68 -18.20 14.18
C LEU B 152 15.53 -17.16 14.87
N VAL B 153 15.15 -16.75 16.08
CA VAL B 153 16.00 -15.88 16.87
C VAL B 153 16.39 -16.61 18.14
N THR B 154 17.68 -16.75 18.30
CA THR B 154 18.38 -17.29 19.42
C THR B 154 18.35 -16.33 20.61
N PRO B 155 18.82 -16.79 21.77
CA PRO B 155 19.14 -15.86 22.85
C PRO B 155 20.37 -14.99 22.59
N ASP B 156 21.12 -15.25 21.52
CA ASP B 156 22.22 -14.37 21.10
C ASP B 156 21.71 -13.08 20.46
N SER B 157 21.31 -13.17 19.19
CA SER B 157 21.01 -12.00 18.37
C SER B 157 19.52 -11.65 18.43
N LEU B 158 19.08 -11.24 19.63
CA LEU B 158 17.65 -11.03 19.87
C LEU B 158 17.08 -9.81 19.14
N LEU B 159 17.89 -8.87 18.68
CA LEU B 159 17.31 -7.69 18.07
C LEU B 159 18.04 -7.30 16.79
N ASP B 160 18.37 -8.30 15.97
CA ASP B 160 18.80 -8.01 14.61
C ASP B 160 17.66 -7.26 13.96
N PRO B 161 17.92 -6.12 13.27
CA PRO B 161 16.80 -5.36 12.71
C PRO B 161 16.07 -6.12 11.61
N ARG B 162 16.26 -7.44 11.61
CA ARG B 162 15.54 -8.34 10.72
C ARG B 162 14.15 -8.71 11.25
N HIS B 163 13.94 -8.70 12.56
CA HIS B 163 12.73 -9.22 13.19
C HIS B 163 11.60 -8.23 13.32
N HIS B 164 11.66 -7.10 12.64
CA HIS B 164 10.50 -6.25 12.51
C HIS B 164 10.05 -6.23 11.06
N GLN B 165 10.69 -7.06 10.22
CA GLN B 165 10.46 -7.05 8.77
C GLN B 165 10.47 -8.47 8.25
N PRO B 166 9.33 -9.18 8.32
CA PRO B 166 9.32 -10.61 7.96
C PRO B 166 9.77 -10.90 6.53
N ALA B 167 11.03 -11.30 6.39
CA ALA B 167 11.58 -11.65 5.08
C ALA B 167 11.08 -13.03 4.69
N PHE B 168 10.23 -13.10 3.67
CA PHE B 168 9.60 -14.35 3.28
C PHE B 168 10.36 -15.03 2.15
N GLY B 169 10.62 -16.32 2.34
CA GLY B 169 11.34 -17.12 1.38
C GLY B 169 10.52 -17.49 0.15
N ASP B 170 10.96 -18.52 -0.55
CA ASP B 170 10.29 -18.97 -1.78
C ASP B 170 9.04 -19.73 -1.37
N LEU B 171 7.89 -19.06 -1.42
CA LEU B 171 6.63 -19.70 -1.03
C LEU B 171 6.24 -20.80 -2.00
N ALA B 172 6.57 -20.64 -3.28
CA ALA B 172 6.17 -21.61 -4.29
C ALA B 172 6.99 -22.89 -4.23
N ALA B 173 8.10 -22.91 -3.50
CA ALA B 173 8.91 -24.11 -3.36
C ALA B 173 8.63 -24.83 -2.05
N GLU B 174 7.66 -24.36 -1.30
CA GLU B 174 7.28 -24.98 -0.04
C GLU B 174 6.48 -26.25 -0.32
N PRO B 175 6.83 -27.38 0.30
CA PRO B 175 6.05 -28.60 0.10
C PRO B 175 4.65 -28.48 0.69
N LEU B 176 3.75 -29.34 0.22
CA LEU B 176 2.42 -29.37 0.79
C LEU B 176 2.48 -29.76 2.26
N PRO B 177 1.59 -29.21 3.09
CA PRO B 177 1.60 -29.54 4.51
C PRO B 177 1.33 -31.02 4.73
N ALA B 178 2.04 -31.60 5.70
CA ALA B 178 1.87 -33.01 6.01
C ALA B 178 0.50 -33.27 6.65
N ARG B 179 -0.56 -33.07 5.89
CA ARG B 179 -1.90 -33.33 6.39
C ARG B 179 -2.15 -34.80 6.61
N ASP B 180 -1.36 -35.67 6.00
CA ASP B 180 -1.51 -37.09 6.23
C ASP B 180 -0.98 -37.51 7.58
N LEU B 181 -0.31 -36.60 8.30
CA LEU B 181 0.26 -36.90 9.60
C LEU B 181 -0.70 -36.65 10.77
N VAL B 182 -1.94 -36.20 10.51
CA VAL B 182 -2.89 -35.93 11.58
C VAL B 182 -4.26 -36.42 11.14
N ASP B 183 -4.90 -37.22 11.99
CA ASP B 183 -6.28 -37.63 11.76
C ASP B 183 -7.18 -36.43 11.99
N HIS B 184 -7.87 -35.99 10.94
CA HIS B 184 -8.65 -34.76 10.97
C HIS B 184 -10.06 -34.95 11.52
N THR B 185 -10.45 -36.17 11.89
CA THR B 185 -11.81 -36.40 12.37
C THR B 185 -12.16 -35.51 13.57
N PRO B 186 -11.27 -35.28 14.57
CA PRO B 186 -11.63 -34.42 15.70
C PRO B 186 -11.69 -32.92 15.44
N TYR B 187 -11.65 -32.48 14.18
CA TYR B 187 -11.64 -31.06 13.87
C TYR B 187 -12.98 -30.65 13.25
N MET B 188 -13.50 -29.52 13.72
CA MET B 188 -14.89 -29.14 13.50
C MET B 188 -14.98 -27.77 12.84
N PHE B 189 -15.93 -27.62 11.92
CA PHE B 189 -16.26 -26.31 11.34
C PHE B 189 -17.77 -26.28 11.09
N PRO B 190 -18.54 -25.89 12.10
CA PRO B 190 -20.01 -26.08 12.11
C PRO B 190 -20.72 -25.58 10.85
N PRO B 191 -20.32 -24.43 10.27
CA PRO B 191 -21.03 -23.99 9.06
C PRO B 191 -20.86 -24.93 7.87
N ILE B 192 -19.98 -25.93 7.98
CA ILE B 192 -19.78 -26.87 6.87
C ILE B 192 -19.91 -28.30 7.36
N ALA B 193 -19.09 -28.68 8.34
CA ALA B 193 -19.06 -30.06 8.80
C ALA B 193 -18.56 -30.12 10.24
N ARG B 194 -18.98 -31.17 10.95
CA ARG B 194 -18.58 -31.36 12.33
C ARG B 194 -17.38 -32.27 12.49
N THR B 195 -16.90 -32.89 11.40
CA THR B 195 -15.77 -33.80 11.47
C THR B 195 -14.92 -33.66 10.22
N GLY B 196 -13.63 -33.95 10.37
CA GLY B 196 -12.68 -33.98 9.28
C GLY B 196 -12.52 -32.72 8.46
N ILE B 197 -12.36 -31.58 9.11
CA ILE B 197 -12.10 -30.33 8.42
C ILE B 197 -10.63 -29.96 8.62
N THR B 198 -10.12 -29.16 7.70
CA THR B 198 -8.76 -28.66 7.79
C THR B 198 -8.73 -27.18 7.47
N SER B 199 -7.65 -26.53 7.86
CA SER B 199 -7.37 -25.15 7.49
C SER B 199 -6.28 -25.13 6.42
N ILE B 200 -6.23 -24.04 5.68
CA ILE B 200 -5.38 -23.95 4.50
C ILE B 200 -5.05 -22.48 4.27
N ASN B 201 -3.87 -22.23 3.71
CA ASN B 201 -3.48 -20.88 3.33
C ASN B 201 -3.25 -20.79 1.83
N GLY B 202 -3.74 -19.70 1.24
CA GLY B 202 -3.54 -19.42 -0.16
C GLY B 202 -2.71 -18.16 -0.29
N SER B 203 -2.62 -17.40 0.80
CA SER B 203 -1.80 -16.18 0.83
C SER B 203 -1.61 -15.80 2.30
N PHE B 204 -0.66 -14.88 2.53
CA PHE B 204 -0.39 -14.36 3.85
C PHE B 204 -0.30 -12.84 3.79
N GLY B 205 -0.23 -12.23 4.97
CA GLY B 205 0.05 -10.82 5.10
C GLY B 205 -1.14 -9.94 4.75
N CYS B 206 -1.05 -8.68 5.18
CA CYS B 206 -2.10 -7.71 4.91
C CYS B 206 -1.56 -6.29 5.01
N PRO B 207 -1.91 -5.41 4.08
CA PRO B 207 -1.33 -4.06 4.05
C PRO B 207 -2.21 -2.96 4.63
N TYR B 208 -3.36 -3.29 5.18
CA TYR B 208 -4.35 -2.27 5.46
C TYR B 208 -4.05 -1.48 6.74
N PRO B 209 -4.56 -0.25 6.84
CA PRO B 209 -4.19 0.63 7.96
C PRO B 209 -4.81 0.25 9.29
N CYS B 210 -5.82 -0.64 9.31
CA CYS B 210 -6.31 -1.11 10.59
C CYS B 210 -5.32 -2.01 11.28
N ARG B 211 -4.11 -2.14 10.74
CA ARG B 211 -3.01 -2.76 11.49
C ARG B 211 -2.72 -1.99 12.76
N PHE B 212 -3.31 -0.80 12.91
CA PHE B 212 -3.23 -0.05 14.16
C PHE B 212 -3.63 -0.92 15.34
N TYR B 213 -4.73 -1.67 15.19
CA TYR B 213 -5.19 -2.58 16.23
C TYR B 213 -5.05 -4.06 15.88
N CYS B 214 -5.16 -4.43 14.59
CA CYS B 214 -5.20 -5.86 14.25
C CYS B 214 -3.79 -6.48 14.27
N PRO B 215 -3.65 -7.69 14.83
CA PRO B 215 -2.33 -8.35 14.86
C PRO B 215 -1.94 -9.09 13.59
N TYR B 216 -2.84 -9.27 12.61
CA TYR B 216 -2.48 -10.03 11.41
C TYR B 216 -1.34 -9.39 10.63
N PRO B 217 -1.32 -8.08 10.38
CA PRO B 217 -0.16 -7.50 9.70
C PRO B 217 1.10 -7.58 10.53
N LEU B 218 0.98 -7.58 11.85
CA LEU B 218 2.15 -7.70 12.69
C LEU B 218 2.74 -9.10 12.60
N SER B 219 1.88 -10.12 12.53
CA SER B 219 2.36 -11.51 12.48
C SER B 219 2.83 -11.90 11.09
N GLU B 220 2.19 -11.40 10.05
CA GLU B 220 2.41 -11.88 8.70
C GLU B 220 3.04 -10.87 7.77
N GLY B 221 3.19 -9.61 8.21
CA GLY B 221 3.75 -8.60 7.36
C GLY B 221 2.68 -7.79 6.65
N ARG B 222 3.09 -6.61 6.18
CA ARG B 222 2.20 -5.67 5.52
C ARG B 222 2.14 -5.88 4.01
N LYS B 223 2.74 -6.97 3.52
CA LYS B 223 2.80 -7.28 2.10
C LYS B 223 2.03 -8.57 1.85
N ILE B 224 1.12 -8.57 0.87
CA ILE B 224 0.45 -9.80 0.50
C ILE B 224 1.43 -10.71 -0.23
N ARG B 225 1.55 -11.95 0.24
CA ARG B 225 2.38 -12.96 -0.40
C ARG B 225 1.49 -14.17 -0.68
N THR B 226 1.32 -14.51 -1.95
CA THR B 226 0.42 -15.56 -2.39
C THR B 226 1.18 -16.83 -2.76
N TYR B 227 0.43 -17.99 -2.71
CA TYR B 227 0.80 -19.27 -3.29
C TYR B 227 0.28 -19.33 -4.72
N PRO B 228 0.92 -20.10 -5.59
CA PRO B 228 0.37 -20.32 -6.93
C PRO B 228 -0.94 -21.10 -6.88
N VAL B 229 -1.86 -20.73 -7.77
CA VAL B 229 -3.22 -21.27 -7.78
C VAL B 229 -3.24 -22.79 -7.77
N GLU B 230 -2.38 -23.43 -8.56
CA GLU B 230 -2.42 -24.88 -8.61
C GLU B 230 -1.72 -25.54 -7.43
N ARG B 231 -0.95 -24.79 -6.63
CA ARG B 231 -0.55 -25.37 -5.35
C ARG B 231 -1.77 -25.52 -4.46
N ILE B 232 -2.67 -24.53 -4.50
CA ILE B 232 -3.90 -24.60 -3.74
C ILE B 232 -4.77 -25.73 -4.26
N VAL B 233 -4.84 -25.86 -5.58
CA VAL B 233 -5.60 -26.96 -6.18
C VAL B 233 -4.99 -28.30 -5.79
N ALA B 234 -3.66 -28.37 -5.71
CA ALA B 234 -3.01 -29.59 -5.26
C ALA B 234 -3.37 -29.90 -3.81
N GLU B 235 -3.50 -28.85 -2.98
CA GLU B 235 -3.91 -29.07 -1.59
C GLU B 235 -5.33 -29.59 -1.52
N PHE B 236 -6.22 -29.07 -2.35
CA PHE B 236 -7.60 -29.55 -2.38
C PHE B 236 -7.67 -31.00 -2.84
N ARG B 237 -6.87 -31.36 -3.85
CA ARG B 237 -6.81 -32.76 -4.28
C ARG B 237 -6.32 -33.64 -3.14
N GLN B 238 -5.33 -33.14 -2.38
CA GLN B 238 -4.84 -33.89 -1.23
C GLN B 238 -5.95 -34.08 -0.19
N CYS B 239 -6.75 -33.04 0.03
CA CYS B 239 -7.82 -33.12 1.03
C CYS B 239 -8.86 -34.14 0.61
N ALA B 240 -9.27 -34.11 -0.65
CA ALA B 240 -10.22 -35.09 -1.15
C ALA B 240 -9.68 -36.51 -0.99
N GLU B 241 -8.43 -36.73 -1.42
CA GLU B 241 -7.83 -38.07 -1.36
C GLU B 241 -7.71 -38.57 0.08
N LEU B 242 -7.41 -37.68 1.01
CA LEU B 242 -7.24 -38.08 2.41
C LEU B 242 -8.57 -38.30 3.13
N GLY B 243 -9.68 -37.84 2.57
CA GLY B 243 -10.98 -37.96 3.19
C GLY B 243 -11.27 -36.81 4.12
N ILE B 244 -10.81 -35.62 3.76
CA ILE B 244 -11.04 -34.43 4.55
C ILE B 244 -12.31 -33.76 4.05
N THR B 245 -13.13 -33.25 5.00
CA THR B 245 -14.48 -32.79 4.71
C THR B 245 -14.57 -31.32 4.32
N ALA B 246 -13.59 -30.49 4.66
CA ALA B 246 -13.72 -29.07 4.36
C ALA B 246 -12.35 -28.40 4.51
N ALA B 247 -12.23 -27.23 3.88
CA ALA B 247 -11.00 -26.45 3.93
C ALA B 247 -11.35 -25.01 4.28
N VAL B 248 -10.77 -24.50 5.36
CA VAL B 248 -11.05 -23.14 5.80
C VAL B 248 -9.81 -22.30 5.53
N PHE B 249 -9.96 -21.30 4.67
CA PHE B 249 -8.84 -20.45 4.32
C PHE B 249 -8.56 -19.44 5.42
N ARG B 250 -7.29 -19.38 5.83
CA ARG B 250 -6.84 -18.50 6.89
C ARG B 250 -6.20 -17.22 6.35
N ASP B 251 -6.35 -16.96 5.06
CA ASP B 251 -5.79 -15.73 4.49
C ASP B 251 -6.45 -14.52 5.15
N PRO B 252 -5.68 -13.55 5.62
CA PRO B 252 -6.31 -12.33 6.17
C PRO B 252 -7.24 -11.64 5.19
N VAL B 253 -6.85 -11.48 3.94
CA VAL B 253 -7.72 -10.91 2.92
C VAL B 253 -7.65 -11.86 1.73
N PHE B 254 -8.53 -12.87 1.73
CA PHE B 254 -8.46 -13.96 0.76
C PHE B 254 -8.70 -13.46 -0.66
N SER B 255 -9.65 -12.54 -0.85
CA SER B 255 -10.00 -12.06 -2.17
C SER B 255 -9.32 -10.73 -2.52
N PHE B 256 -8.16 -10.47 -1.90
CA PHE B 256 -7.42 -9.24 -2.18
C PHE B 256 -7.26 -9.00 -3.68
N HIS B 257 -6.57 -9.91 -4.39
CA HIS B 257 -6.44 -9.82 -5.84
C HIS B 257 -7.70 -10.38 -6.50
N ARG B 258 -8.49 -9.50 -7.13
CA ARG B 258 -9.76 -9.92 -7.71
C ARG B 258 -9.53 -10.99 -8.78
N ASP B 259 -8.64 -10.69 -9.74
CA ASP B 259 -8.42 -11.60 -10.86
C ASP B 259 -7.92 -12.95 -10.38
N ARG B 260 -6.98 -12.96 -9.44
CA ARG B 260 -6.50 -14.23 -8.90
C ARG B 260 -7.62 -15.00 -8.22
N THR B 261 -8.59 -14.29 -7.63
CA THR B 261 -9.70 -14.96 -6.96
C THR B 261 -10.62 -15.64 -7.96
N LEU B 262 -10.98 -14.94 -9.03
CA LEU B 262 -11.82 -15.58 -10.04
C LEU B 262 -11.07 -16.72 -10.74
N GLU B 263 -9.76 -16.55 -10.94
CA GLU B 263 -8.96 -17.60 -11.56
C GLU B 263 -8.89 -18.83 -10.67
N LEU B 264 -8.67 -18.63 -9.36
CA LEU B 264 -8.60 -19.76 -8.44
C LEU B 264 -9.95 -20.43 -8.31
N CYS B 265 -11.03 -19.66 -8.39
CA CYS B 265 -12.35 -20.25 -8.39
C CYS B 265 -12.51 -21.16 -9.61
N GLN B 266 -12.11 -20.66 -10.79
CA GLN B 266 -12.18 -21.47 -12.00
C GLN B 266 -11.34 -22.74 -11.86
N ALA B 267 -10.14 -22.64 -11.29
CA ALA B 267 -9.28 -23.82 -11.17
C ALA B 267 -9.87 -24.83 -10.20
N LEU B 268 -10.41 -24.37 -9.07
CA LEU B 268 -10.96 -25.29 -8.07
C LEU B 268 -12.21 -25.96 -8.60
N LYS B 269 -13.01 -25.21 -9.35
CA LYS B 269 -14.21 -25.77 -9.96
C LYS B 269 -13.85 -26.80 -11.02
N ALA B 270 -12.89 -26.46 -11.90
CA ALA B 270 -12.42 -27.41 -12.90
C ALA B 270 -11.85 -28.68 -12.27
N ALA B 271 -11.12 -28.54 -11.16
CA ALA B 271 -10.54 -29.73 -10.53
C ALA B 271 -11.60 -30.65 -9.95
N ASP B 272 -12.80 -30.12 -9.66
CA ASP B 272 -13.93 -30.86 -9.12
C ASP B 272 -13.50 -31.82 -8.01
N THR B 273 -12.86 -31.25 -6.98
CA THR B 273 -12.46 -32.04 -5.82
C THR B 273 -13.63 -32.37 -4.90
N GLY B 274 -14.77 -31.70 -5.06
CA GLY B 274 -15.89 -31.89 -4.15
C GLY B 274 -15.58 -31.61 -2.70
N VAL B 275 -14.67 -30.68 -2.43
CA VAL B 275 -14.31 -30.26 -1.09
C VAL B 275 -14.93 -28.89 -0.84
N PRO B 276 -15.87 -28.76 0.09
CA PRO B 276 -16.42 -27.43 0.40
C PRO B 276 -15.42 -26.65 1.23
N TRP B 277 -15.50 -25.33 1.15
CA TRP B 277 -14.48 -24.52 1.77
C TRP B 277 -15.02 -23.20 2.26
N TRP B 278 -14.17 -22.50 3.03
CA TRP B 278 -14.50 -21.28 3.73
C TRP B 278 -13.32 -20.33 3.62
N CYS B 279 -13.61 -19.02 3.59
CA CYS B 279 -12.55 -18.03 3.58
C CYS B 279 -13.04 -16.76 4.27
N GLU B 280 -12.10 -15.91 4.66
CA GLU B 280 -12.43 -14.62 5.25
C GLU B 280 -11.69 -13.52 4.51
N THR B 281 -12.37 -12.39 4.30
CA THR B 281 -11.85 -11.31 3.47
C THR B 281 -12.65 -10.05 3.76
N ARG B 282 -12.24 -8.95 3.14
CA ARG B 282 -12.91 -7.67 3.29
C ARG B 282 -14.14 -7.54 2.39
N ILE B 283 -15.11 -6.76 2.84
CA ILE B 283 -16.30 -6.49 2.04
C ILE B 283 -15.95 -5.69 0.80
N ASP B 284 -14.98 -4.77 0.90
CA ASP B 284 -14.60 -3.99 -0.27
C ASP B 284 -13.72 -4.77 -1.24
N ARG B 285 -13.41 -6.03 -0.90
CA ARG B 285 -12.76 -6.97 -1.81
C ARG B 285 -13.72 -8.07 -2.22
N LEU B 286 -15.01 -7.75 -2.24
CA LEU B 286 -16.04 -8.67 -2.70
C LEU B 286 -17.05 -7.87 -3.50
N ASP B 287 -17.52 -8.45 -4.59
CA ASP B 287 -18.63 -7.89 -5.35
C ASP B 287 -19.52 -9.04 -5.78
N GLU B 288 -20.58 -8.69 -6.50
CA GLU B 288 -21.57 -9.70 -6.90
C GLU B 288 -20.92 -10.81 -7.71
N GLU B 289 -20.10 -10.44 -8.71
CA GLU B 289 -19.45 -11.40 -9.58
C GLU B 289 -18.55 -12.33 -8.79
N VAL B 290 -17.76 -11.78 -7.86
CA VAL B 290 -16.86 -12.59 -7.07
C VAL B 290 -17.63 -13.55 -6.16
N VAL B 291 -18.79 -13.12 -5.66
CA VAL B 291 -19.62 -13.99 -4.82
C VAL B 291 -20.15 -15.16 -5.63
N ALA B 292 -20.69 -14.88 -6.81
CA ALA B 292 -21.09 -15.97 -7.69
C ALA B 292 -19.95 -16.92 -7.97
N ALA B 293 -18.76 -16.38 -8.25
CA ALA B 293 -17.58 -17.20 -8.45
C ALA B 293 -17.31 -18.11 -7.24
N LEU B 294 -17.36 -17.55 -6.03
CA LEU B 294 -17.08 -18.34 -4.84
C LEU B 294 -18.10 -19.44 -4.64
N VAL B 295 -19.39 -19.12 -4.80
CA VAL B 295 -20.44 -20.12 -4.59
C VAL B 295 -20.31 -21.24 -5.61
N ASP B 296 -20.04 -20.89 -6.87
CA ASP B 296 -19.93 -21.92 -7.88
C ASP B 296 -18.72 -22.83 -7.65
N ALA B 297 -17.66 -22.30 -7.04
CA ALA B 297 -16.44 -23.04 -6.80
C ALA B 297 -16.50 -23.95 -5.59
N GLY B 298 -17.59 -23.91 -4.82
CA GLY B 298 -17.73 -24.76 -3.65
C GLY B 298 -17.56 -24.05 -2.33
N CYS B 299 -17.49 -22.72 -2.34
CA CYS B 299 -17.30 -21.95 -1.12
C CYS B 299 -18.65 -21.81 -0.42
N VAL B 300 -18.71 -22.28 0.82
CA VAL B 300 -19.96 -22.29 1.56
C VAL B 300 -20.30 -20.92 2.13
N GLY B 301 -19.29 -20.19 2.60
CA GLY B 301 -19.55 -18.91 3.23
C GLY B 301 -18.27 -18.19 3.55
N VAL B 302 -18.42 -16.94 4.01
CA VAL B 302 -17.29 -16.04 4.21
C VAL B 302 -17.46 -15.31 5.54
N GLU B 303 -16.32 -15.01 6.17
CA GLU B 303 -16.26 -14.16 7.37
C GLU B 303 -15.74 -12.79 6.95
N VAL B 304 -16.52 -11.75 7.17
CA VAL B 304 -16.12 -10.40 6.80
C VAL B 304 -16.15 -9.52 8.03
N GLY B 305 -15.20 -8.59 8.11
CA GLY B 305 -15.09 -7.70 9.24
C GLY B 305 -15.88 -6.41 9.02
N VAL B 306 -16.90 -6.19 9.85
CA VAL B 306 -17.68 -4.96 9.81
C VAL B 306 -17.22 -4.07 10.96
N GLU B 307 -16.81 -4.72 12.05
CA GLU B 307 -16.29 -4.11 13.26
C GLU B 307 -17.31 -3.31 14.07
N SER B 308 -18.01 -2.36 13.44
CA SER B 308 -18.89 -1.47 14.19
C SER B 308 -20.20 -1.24 13.45
N GLY B 309 -21.22 -0.87 14.21
CA GLY B 309 -22.51 -0.52 13.66
C GLY B 309 -22.78 0.98 13.71
N ASP B 310 -21.81 1.76 14.19
CA ASP B 310 -21.97 3.21 14.30
C ASP B 310 -21.32 3.93 13.14
N PRO B 311 -22.07 4.72 12.37
CA PRO B 311 -21.47 5.49 11.28
C PRO B 311 -20.22 6.26 11.65
N ASP B 312 -20.21 6.93 12.80
CA ASP B 312 -19.07 7.77 13.13
C ASP B 312 -17.81 6.92 13.38
N MET B 313 -17.98 5.75 13.99
CA MET B 313 -16.84 4.87 14.20
C MET B 313 -16.28 4.37 12.87
N GLN B 314 -17.17 4.11 11.91
CA GLN B 314 -16.75 3.66 10.59
C GLN B 314 -15.94 4.74 9.86
N ALA B 315 -16.38 5.98 9.96
CA ALA B 315 -15.67 7.09 9.33
C ALA B 315 -14.36 7.43 10.02
N THR B 316 -14.03 6.80 11.15
CA THR B 316 -12.83 7.21 11.88
C THR B 316 -12.02 6.02 12.40
N ALA B 317 -12.40 5.51 13.57
CA ALA B 317 -11.53 4.60 14.31
C ALA B 317 -11.41 3.23 13.64
N VAL B 318 -12.45 2.77 12.93
CA VAL B 318 -12.41 1.45 12.31
C VAL B 318 -11.30 1.37 11.26
N ARG B 319 -11.07 2.48 10.54
CA ARG B 319 -9.95 2.61 9.60
C ARG B 319 -10.14 1.72 8.36
N LYS B 320 -11.37 1.56 7.91
CA LYS B 320 -11.62 0.85 6.67
C LYS B 320 -12.40 1.67 5.66
N ARG B 321 -12.81 2.89 6.04
CA ARG B 321 -13.75 3.70 5.26
C ARG B 321 -14.88 2.82 4.73
N LEU B 322 -15.37 1.97 5.62
CA LEU B 322 -16.48 1.08 5.30
C LEU B 322 -17.78 1.79 5.66
N ASN B 323 -18.69 1.85 4.70
CA ASN B 323 -19.99 2.47 4.88
C ASN B 323 -21.01 1.40 5.23
N LEU B 324 -21.91 1.71 6.15
CA LEU B 324 -22.86 0.70 6.59
C LEU B 324 -23.86 0.35 5.50
N ASP B 325 -24.13 1.28 4.58
CA ASP B 325 -25.01 0.94 3.47
C ASP B 325 -24.32 -0.01 2.50
N THR B 326 -22.99 0.05 2.43
CA THR B 326 -22.24 -0.97 1.70
C THR B 326 -22.40 -2.34 2.34
N VAL B 327 -22.37 -2.38 3.68
CA VAL B 327 -22.59 -3.63 4.41
C VAL B 327 -24.00 -4.16 4.18
N ARG B 328 -24.99 -3.27 4.23
CA ARG B 328 -26.36 -3.71 4.01
C ARG B 328 -26.54 -4.26 2.60
N LYS B 329 -25.97 -3.57 1.61
CA LYS B 329 -26.04 -4.04 0.23
C LYS B 329 -25.34 -5.39 0.08
N PHE B 330 -24.19 -5.55 0.76
CA PHE B 330 -23.45 -6.81 0.69
C PHE B 330 -24.23 -7.96 1.32
N HIS B 331 -24.96 -7.67 2.40
CA HIS B 331 -25.81 -8.69 3.02
C HIS B 331 -26.85 -9.20 2.04
N ALA B 332 -27.43 -8.28 1.25
CA ALA B 332 -28.43 -8.66 0.25
C ALA B 332 -27.82 -9.48 -0.87
N VAL B 333 -26.67 -9.04 -1.40
CA VAL B 333 -26.08 -9.79 -2.50
C VAL B 333 -25.61 -11.17 -2.02
N ALA B 334 -25.21 -11.28 -0.75
CA ALA B 334 -24.72 -12.55 -0.25
C ALA B 334 -25.86 -13.52 0.06
N ARG B 335 -26.94 -13.04 0.67
CA ARG B 335 -28.03 -13.97 0.98
C ARG B 335 -28.75 -14.44 -0.28
N LYS B 336 -28.93 -13.55 -1.25
CA LYS B 336 -29.60 -13.95 -2.49
C LYS B 336 -28.73 -14.87 -3.35
N ALA B 337 -27.45 -15.00 -3.04
CA ALA B 337 -26.55 -15.89 -3.75
C ALA B 337 -26.30 -17.18 -2.99
N GLY B 338 -26.88 -17.34 -1.79
CA GLY B 338 -26.68 -18.56 -1.04
C GLY B 338 -25.36 -18.64 -0.33
N LEU B 339 -24.66 -17.51 -0.19
CA LEU B 339 -23.37 -17.49 0.50
C LEU B 339 -23.61 -17.33 2.00
N LYS B 340 -23.06 -18.22 2.80
CA LYS B 340 -23.16 -18.05 4.24
C LYS B 340 -22.28 -16.88 4.69
N LEU B 341 -22.70 -16.25 5.77
CA LEU B 341 -22.02 -15.07 6.30
C LEU B 341 -21.74 -15.22 7.78
N VAL B 342 -20.64 -14.61 8.22
CA VAL B 342 -20.34 -14.43 9.64
C VAL B 342 -19.68 -13.07 9.74
N PHE B 343 -20.33 -12.12 10.40
CA PHE B 343 -19.84 -10.75 10.48
C PHE B 343 -18.98 -10.59 11.74
N LEU B 344 -17.84 -9.92 11.58
CA LEU B 344 -16.90 -9.70 12.67
C LEU B 344 -17.09 -8.28 13.21
N PHE B 345 -17.53 -8.18 14.46
CA PHE B 345 -17.72 -6.91 15.13
C PHE B 345 -16.73 -6.76 16.27
N LEU B 346 -16.50 -5.50 16.65
CA LEU B 346 -15.49 -5.15 17.64
C LEU B 346 -16.00 -4.03 18.53
N ILE B 347 -15.90 -4.22 19.85
CA ILE B 347 -16.35 -3.23 20.82
C ILE B 347 -15.15 -2.69 21.58
N GLY B 348 -15.07 -1.37 21.68
CA GLY B 348 -14.05 -0.71 22.48
C GLY B 348 -12.85 -0.15 21.73
N LEU B 349 -13.00 0.21 20.46
CA LEU B 349 -11.90 0.92 19.81
C LEU B 349 -11.83 2.34 20.34
N PRO B 350 -10.64 2.86 20.62
CA PRO B 350 -10.52 4.24 21.13
C PRO B 350 -11.24 5.28 20.31
N ARG B 351 -12.41 5.69 20.83
CA ARG B 351 -13.41 6.60 20.28
C ARG B 351 -14.78 6.00 20.56
N GLU B 352 -14.79 4.76 21.05
CA GLU B 352 -16.05 4.08 21.28
C GLU B 352 -16.70 4.55 22.57
N THR B 353 -18.01 4.73 22.51
CA THR B 353 -18.82 5.15 23.62
C THR B 353 -19.95 4.16 23.83
N ARG B 354 -20.76 4.41 24.85
CA ARG B 354 -21.92 3.55 25.10
C ARG B 354 -22.89 3.62 23.94
N MET B 355 -23.22 4.83 23.49
CA MET B 355 -24.16 4.98 22.37
C MET B 355 -23.67 4.27 21.11
N SER B 356 -22.35 4.29 20.86
CA SER B 356 -21.85 3.61 19.67
C SER B 356 -21.99 2.08 19.81
N ILE B 357 -21.61 1.54 20.98
CA ILE B 357 -21.78 0.11 21.23
C ILE B 357 -23.24 -0.27 21.08
N ARG B 358 -24.15 0.61 21.52
CA ARG B 358 -25.57 0.33 21.38
C ARG B 358 -25.97 0.32 19.91
N ARG B 359 -25.42 1.23 19.11
CA ARG B 359 -25.76 1.25 17.69
C ARG B 359 -25.21 0.03 16.95
N THR B 360 -24.10 -0.56 17.42
CA THR B 360 -23.68 -1.85 16.88
C THR B 360 -24.75 -2.92 17.08
N PHE B 361 -25.23 -3.07 18.31
CA PHE B 361 -26.29 -4.03 18.60
C PHE B 361 -27.54 -3.76 17.78
N ASP B 362 -27.94 -2.49 17.69
CA ASP B 362 -29.07 -2.11 16.85
C ASP B 362 -28.85 -2.58 15.42
N PHE B 363 -27.62 -2.45 14.92
CA PHE B 363 -27.31 -2.86 13.55
C PHE B 363 -27.42 -4.36 13.39
N ILE B 364 -26.88 -5.12 14.34
CA ILE B 364 -26.93 -6.58 14.28
C ILE B 364 -28.38 -7.06 14.27
N LEU B 365 -29.25 -6.42 15.05
CA LEU B 365 -30.65 -6.85 15.03
C LEU B 365 -31.41 -6.31 13.82
N GLU B 366 -31.01 -5.16 13.29
CA GLU B 366 -31.61 -4.65 12.05
C GLU B 366 -31.36 -5.61 10.91
N LEU B 367 -30.14 -6.14 10.81
CA LEU B 367 -29.83 -7.09 9.75
C LEU B 367 -30.60 -8.39 9.94
N GLY B 368 -30.94 -8.73 11.17
CA GLY B 368 -31.65 -9.96 11.44
C GLY B 368 -30.68 -11.11 11.31
N LEU B 369 -29.57 -11.04 12.04
CA LEU B 369 -28.53 -12.05 11.96
C LEU B 369 -28.84 -13.18 12.94
N ALA B 370 -28.71 -14.42 12.46
CA ALA B 370 -28.80 -15.57 13.34
C ALA B 370 -27.67 -15.56 14.36
N ASP B 371 -27.76 -16.48 15.32
CA ASP B 371 -26.74 -16.62 16.36
C ASP B 371 -25.42 -17.08 15.76
N THR B 372 -25.47 -17.80 14.66
CA THR B 372 -24.29 -18.34 14.02
C THR B 372 -23.63 -17.37 13.05
N GLU B 373 -24.28 -16.25 12.74
CA GLU B 373 -23.81 -15.33 11.71
C GLU B 373 -23.10 -14.10 12.26
N PHE B 374 -22.60 -14.13 13.49
CA PHE B 374 -21.73 -13.02 13.90
C PHE B 374 -20.85 -13.45 15.06
N ASN B 375 -19.77 -12.68 15.23
CA ASN B 375 -18.80 -12.88 16.30
C ASN B 375 -18.38 -11.49 16.77
N LEU B 376 -18.35 -11.29 18.08
CA LEU B 376 -18.04 -10.00 18.68
C LEU B 376 -16.77 -10.14 19.50
N SER B 377 -15.84 -9.21 19.30
CA SER B 377 -14.59 -9.21 20.02
C SER B 377 -14.53 -7.96 20.89
N VAL B 378 -13.81 -8.07 22.00
CA VAL B 378 -13.51 -6.94 22.85
C VAL B 378 -12.05 -6.57 22.59
N ILE B 379 -11.79 -5.27 22.52
CA ILE B 379 -10.50 -4.77 22.06
C ILE B 379 -9.38 -5.34 22.92
N THR B 380 -8.43 -6.02 22.28
CA THR B 380 -7.28 -6.60 22.95
C THR B 380 -6.01 -5.92 22.44
N PRO B 381 -5.24 -5.24 23.29
CA PRO B 381 -4.04 -4.56 22.79
C PRO B 381 -2.90 -5.55 22.57
N TYR B 382 -2.77 -6.08 21.36
CA TYR B 382 -1.76 -7.08 21.12
C TYR B 382 -0.40 -6.42 21.07
N PRO B 383 0.55 -6.84 21.92
CA PRO B 383 1.88 -6.21 21.96
C PRO B 383 2.57 -6.22 20.61
N GLY B 384 3.04 -5.05 20.20
CA GLY B 384 3.65 -4.84 18.90
C GLY B 384 2.83 -3.96 18.00
N THR B 385 1.54 -3.82 18.27
CA THR B 385 0.68 -2.92 17.52
C THR B 385 0.75 -1.52 18.10
N GLU B 386 0.47 -0.53 17.25
CA GLU B 386 0.49 0.86 17.71
C GLU B 386 -0.50 1.09 18.84
N LEU B 387 -1.66 0.40 18.80
CA LEU B 387 -2.67 0.64 19.82
C LEU B 387 -2.20 0.14 21.19
N HIS B 388 -1.51 -1.00 21.23
CA HIS B 388 -0.98 -1.48 22.50
C HIS B 388 0.07 -0.52 23.03
N GLN B 389 0.89 0.03 22.15
CA GLN B 389 1.95 0.93 22.56
C GLN B 389 1.37 2.22 23.12
N ILE B 390 0.27 2.71 22.51
CA ILE B 390 -0.44 3.87 23.06
C ILE B 390 -1.11 3.49 24.37
N ALA B 391 -1.55 2.24 24.49
CA ALA B 391 -2.22 1.80 25.72
C ALA B 391 -1.26 1.78 26.90
N VAL B 392 0.02 1.48 26.68
CA VAL B 392 0.96 1.58 27.79
C VAL B 392 1.17 3.05 28.18
N ASP B 393 1.43 3.92 27.20
CA ASP B 393 1.68 5.33 27.50
C ASP B 393 0.48 6.05 28.12
N LYS B 394 -0.71 5.44 28.14
CA LYS B 394 -1.88 6.09 28.70
C LYS B 394 -2.51 5.31 29.84
N GLY B 395 -1.78 4.34 30.40
CA GLY B 395 -2.29 3.49 31.46
C GLY B 395 -3.66 2.92 31.17
N TRP B 396 -3.76 2.09 30.14
CA TRP B 396 -5.04 1.63 29.62
C TRP B 396 -5.37 0.17 29.92
N ILE B 397 -4.37 -0.64 30.30
CA ILE B 397 -4.53 -2.08 30.39
C ILE B 397 -4.85 -2.48 31.83
N ASP B 398 -6.08 -2.95 32.05
CA ASP B 398 -6.55 -3.38 33.36
C ASP B 398 -6.52 -4.89 33.55
N GLY B 399 -6.59 -5.67 32.47
CA GLY B 399 -6.49 -7.11 32.58
C GLY B 399 -5.06 -7.59 32.39
N SER B 400 -4.84 -8.84 32.79
CA SER B 400 -3.55 -9.48 32.58
C SER B 400 -3.48 -10.16 31.21
N GLN B 401 -2.24 -10.40 30.77
CA GLN B 401 -1.99 -10.89 29.42
C GLN B 401 -2.53 -12.29 29.18
N ASN B 402 -2.64 -13.11 30.22
CA ASN B 402 -3.21 -14.44 30.05
C ASN B 402 -4.74 -14.42 29.99
N ALA B 403 -5.34 -13.23 29.98
CA ALA B 403 -6.76 -13.06 29.68
C ALA B 403 -6.98 -12.14 28.47
N PHE B 404 -5.93 -11.97 27.64
CA PHE B 404 -5.93 -11.33 26.33
C PHE B 404 -6.61 -12.23 25.29
N THR B 405 -7.83 -12.68 25.57
CA THR B 405 -8.55 -13.67 24.76
C THR B 405 -9.33 -13.13 23.56
N SER B 406 -9.46 -11.82 23.39
CA SER B 406 -10.32 -11.18 22.39
C SER B 406 -11.79 -11.26 22.75
N HIS B 407 -12.13 -11.89 23.88
CA HIS B 407 -13.48 -11.89 24.43
C HIS B 407 -13.52 -11.46 25.90
N ASN B 408 -12.38 -11.10 26.47
CA ASN B 408 -12.26 -10.59 27.83
C ASN B 408 -12.03 -9.10 27.78
N ALA B 409 -12.91 -8.32 28.43
CA ALA B 409 -12.68 -6.89 28.62
C ALA B 409 -11.39 -6.68 29.41
N VAL B 410 -10.38 -6.10 28.77
CA VAL B 410 -9.05 -6.03 29.40
C VAL B 410 -8.45 -4.63 29.22
N MET B 411 -9.14 -3.74 28.51
CA MET B 411 -8.58 -2.40 28.36
C MET B 411 -9.70 -1.38 28.33
N HIS B 412 -9.40 -0.19 28.86
CA HIS B 412 -10.27 0.97 28.78
C HIS B 412 -9.65 2.00 27.85
N THR B 413 -10.49 2.91 27.36
CA THR B 413 -10.02 4.03 26.55
C THR B 413 -10.16 5.32 27.36
N ASP B 414 -10.04 6.46 26.66
CA ASP B 414 -10.32 7.75 27.28
C ASP B 414 -11.79 8.07 27.33
N GLU B 415 -12.64 7.23 26.74
CA GLU B 415 -14.08 7.47 26.69
C GLU B 415 -14.87 6.36 27.36
N LEU B 416 -14.22 5.27 27.76
CA LEU B 416 -14.88 4.09 28.30
C LEU B 416 -14.09 3.51 29.46
N SER B 417 -14.82 3.14 30.51
CA SER B 417 -14.26 2.49 31.69
C SER B 417 -14.45 0.98 31.54
N ILE B 418 -13.53 0.22 32.14
CA ILE B 418 -13.61 -1.23 32.08
C ILE B 418 -14.93 -1.74 32.61
N GLY B 419 -15.63 -0.93 33.43
CA GLY B 419 -16.97 -1.31 33.85
C GLY B 419 -17.97 -1.21 32.72
N ASP B 420 -17.84 -0.18 31.88
CA ASP B 420 -18.74 -0.06 30.74
C ASP B 420 -18.45 -1.15 29.71
N LEU B 421 -17.18 -1.47 29.51
CA LEU B 421 -16.83 -2.50 28.54
C LEU B 421 -17.12 -3.90 29.06
N GLU B 422 -16.95 -4.13 30.36
CA GLU B 422 -17.36 -5.40 30.93
C GLU B 422 -18.86 -5.55 30.88
N ARG B 423 -19.58 -4.44 31.03
CA ARG B 423 -21.02 -4.45 30.84
C ARG B 423 -21.37 -4.85 29.41
N ALA B 424 -20.73 -4.22 28.42
CA ALA B 424 -20.97 -4.58 27.03
C ALA B 424 -20.60 -6.03 26.75
N SER B 425 -19.46 -6.47 27.29
CA SER B 425 -19.05 -7.86 27.26
C SER B 425 -20.21 -8.76 27.59
N ARG B 426 -20.76 -8.58 28.79
CA ARG B 426 -21.87 -9.43 29.19
C ARG B 426 -23.08 -9.23 28.30
N PHE B 427 -23.22 -8.04 27.68
CA PHE B 427 -24.34 -7.85 26.74
C PHE B 427 -24.20 -8.74 25.51
N VAL B 428 -22.98 -9.14 25.13
CA VAL B 428 -22.91 -9.92 23.89
C VAL B 428 -23.43 -11.35 24.12
N ASP B 429 -23.13 -11.93 25.28
CA ASP B 429 -23.66 -13.26 25.58
C ASP B 429 -25.18 -13.23 25.57
N GLU B 430 -25.75 -12.14 26.07
CA GLU B 430 -27.19 -11.95 26.04
C GLU B 430 -27.70 -11.85 24.61
N LEU B 431 -26.97 -11.14 23.75
CA LEU B 431 -27.40 -10.95 22.36
C LEU B 431 -27.43 -12.27 21.61
N HIS B 432 -26.50 -13.19 21.90
CA HIS B 432 -26.59 -14.50 21.27
C HIS B 432 -27.87 -15.21 21.70
N ALA B 433 -28.17 -15.19 23.00
CA ALA B 433 -29.36 -15.84 23.55
C ALA B 433 -30.65 -15.37 22.86
N VAL B 434 -30.73 -14.07 22.55
CA VAL B 434 -31.97 -13.50 22.01
C VAL B 434 -32.24 -13.94 20.58
N CYS B 435 -31.19 -14.26 19.81
CA CYS B 435 -31.40 -14.66 18.43
C CYS B 435 -31.96 -16.08 18.31
N LYS B 436 -31.66 -16.95 19.28
CA LYS B 436 -32.37 -18.22 19.36
C LYS B 436 -33.84 -17.99 19.68
N ALA B 437 -34.12 -17.04 20.55
CA ALA B 437 -35.47 -16.79 21.04
C ALA B 437 -36.28 -15.95 20.08
N GLY B 438 -37.41 -15.40 20.53
CA GLY B 438 -38.31 -14.73 19.63
C GLY B 438 -38.21 -13.21 19.62
N PRO B 439 -39.02 -12.58 18.78
CA PRO B 439 -38.96 -11.12 18.64
C PRO B 439 -39.30 -10.33 19.90
N ALA B 440 -40.13 -10.88 20.81
CA ALA B 440 -40.46 -10.10 22.00
C ALA B 440 -39.29 -10.07 22.96
N GLU B 441 -38.54 -11.17 23.03
CA GLU B 441 -37.31 -11.20 23.80
C GLU B 441 -36.26 -10.31 23.17
N ARG B 442 -36.37 -10.10 21.86
CA ARG B 442 -35.50 -9.21 21.11
C ARG B 442 -35.77 -7.75 21.49
N ALA B 443 -36.98 -7.27 21.24
CA ALA B 443 -37.34 -5.91 21.65
C ALA B 443 -37.10 -5.66 23.13
N GLU B 444 -37.12 -6.73 23.94
CA GLU B 444 -36.97 -6.60 25.38
C GLU B 444 -35.50 -6.39 25.76
N PHE B 445 -34.60 -7.05 25.05
CA PHE B 445 -33.16 -6.81 25.23
C PHE B 445 -32.77 -5.47 24.64
N GLN B 446 -33.36 -5.10 23.49
CA GLN B 446 -33.09 -3.82 22.86
C GLN B 446 -33.51 -2.67 23.76
N ALA B 447 -34.62 -2.84 24.47
CA ALA B 447 -35.01 -1.83 25.44
C ALA B 447 -34.01 -1.79 26.58
N ARG B 448 -33.55 -2.97 27.04
CA ARG B 448 -32.56 -2.95 28.10
C ARG B 448 -31.27 -2.26 27.66
N VAL B 449 -30.94 -2.27 26.37
CA VAL B 449 -29.67 -1.72 25.90
C VAL B 449 -29.75 -0.22 25.68
N HIS B 450 -30.85 0.28 25.09
CA HIS B 450 -31.00 1.72 24.92
C HIS B 450 -30.82 2.46 26.25
N ALA B 451 -31.49 1.98 27.30
CA ALA B 451 -31.42 2.64 28.60
C ALA B 451 -29.99 2.66 29.12
N TRP B 452 -29.23 1.58 28.91
CA TRP B 452 -27.84 1.58 29.36
C TRP B 452 -26.99 2.55 28.55
N SER B 453 -27.30 2.74 27.26
CA SER B 453 -26.50 3.67 26.48
C SER B 453 -26.80 5.12 26.86
N THR B 454 -28.05 5.43 27.21
CA THR B 454 -28.39 6.80 27.55
C THR B 454 -28.05 7.20 28.98
N GLY B 455 -27.52 6.29 29.81
CA GLY B 455 -27.10 6.61 31.16
C GLY B 455 -27.99 6.03 32.25
N ASP B 456 -29.18 5.57 31.92
CA ASP B 456 -30.08 5.00 32.91
C ASP B 456 -29.83 3.50 33.05
N ALA B 457 -28.60 3.16 33.41
CA ALA B 457 -28.12 1.78 33.44
C ALA B 457 -28.47 1.05 34.74
C4A D5E C . 6.70 22.25 -9.00
C5A D5E C . 5.72 22.86 -7.93
O1 D5E C . 5.99 21.61 -10.09
C6A D5E C . 6.49 23.45 -6.78
N1 D5E C . 8.14 23.03 -5.01
O5A D5E C . 4.84 23.86 -8.50
O6A D5E C . 5.56 23.99 -5.82
N3 D5E C . 8.58 20.75 -9.36
C1A D5E C . 7.43 22.43 -6.15
C2A D5E C . 8.41 21.93 -7.18
C3A D5E C . 7.65 21.27 -8.35
C1 D5E C . 5.28 22.44 -11.02
C2 D5E C . 4.52 21.55 -11.97
N2 D5E C . 3.56 20.72 -11.22
C3 D5E C . 5.47 20.65 -12.72
O3 D5E C . 4.72 19.86 -13.65
C4 D5E C . 6.45 21.49 -13.48
O4 D5E C . 7.36 20.62 -14.11
C5 D5E C . 7.21 22.36 -12.49
O5 D5E C . 6.26 23.22 -11.75
C6 D5E C . 8.29 23.15 -13.23
O6 D5E C . 9.06 23.93 -12.31
FE1 SF4 D . 3.35 22.06 -21.30
FE2 SF4 D . 1.00 21.03 -22.20
FE3 SF4 D . 1.73 23.63 -22.74
FE4 SF4 D . 1.01 22.84 -20.17
S1 SF4 D . -0.34 22.89 -22.05
S2 SF4 D . 2.75 24.22 -20.78
S3 SF4 D . 1.89 20.72 -20.12
S4 SF4 D . 2.76 21.74 -23.48
N MET E . -0.26 22.48 -18.33
CA MET E . -0.78 23.65 -17.63
C MET E . -0.61 24.88 -18.49
O MET E . 0.08 24.79 -19.50
CB MET E . -0.08 23.85 -16.29
OXT MET E . -1.14 25.96 -18.20
N1 5AD F . 11.94 24.77 -18.63
C2 5AD F . 11.51 25.09 -17.36
N3 5AD F . 10.17 25.05 -17.02
C4 5AD F . 9.25 24.69 -17.95
N9 5AD F . 7.88 24.56 -17.92
C8 5AD F . 7.47 24.14 -19.16
N7 5AD F . 8.57 24.02 -19.95
C5 5AD F . 9.65 24.35 -19.23
C6 5AD F . 11.00 24.39 -19.57
N6 5AD F . 11.37 24.06 -20.80
C1' 5AD F . 6.96 24.80 -16.79
C2' 5AD F . 5.79 25.58 -17.34
C3' 5AD F . 4.61 24.64 -17.30
C4' 5AD F . 5.05 23.49 -16.42
C5' 5AD F . 4.67 22.14 -17.02
O4' 5AD F . 6.46 23.57 -16.29
O2' 5AD F . 5.55 26.67 -16.47
O3' 5AD F . 3.52 25.29 -16.71
C4A D5E G . -13.58 -16.32 15.39
C5A D5E G . -14.90 -16.80 14.71
O1 D5E G . -12.63 -15.80 14.44
C6A D5E G . -15.82 -17.43 15.71
N1 D5E G . -16.03 -19.26 17.41
O5A D5E G . -15.59 -15.74 13.99
O6A D5E G . -16.97 -17.96 15.00
N3 D5E G . -11.68 -16.98 16.80
C1A D5E G . -15.11 -18.58 16.47
C2A D5E G . -13.91 -18.04 17.21
C3A D5E G . -12.94 -17.45 16.16
C1 D5E G . -12.82 -14.56 13.78
C2 D5E G . -11.78 -14.44 12.70
N2 D5E G . -11.94 -15.56 11.76
C3 D5E G . -10.38 -14.45 13.30
O3 D5E G . -9.39 -14.35 12.27
C4 D5E G . -10.25 -13.29 14.25
O4 D5E G . -8.92 -13.28 14.81
C5 D5E G . -11.30 -13.48 15.34
O5 D5E G . -12.63 -13.49 14.74
C6 D5E G . -11.19 -12.40 16.43
O6 D5E G . -12.14 -12.66 17.47
FE1 SF4 H . -6.86 -7.06 10.17
FE2 SF4 H . -6.07 -6.76 7.67
FE3 SF4 H . -7.60 -4.82 8.81
FE4 SF4 H . -8.70 -7.33 8.19
S1 SF4 H . -7.90 -5.74 6.73
S2 SF4 H . -8.97 -6.12 10.11
S3 SF4 H . -6.90 -8.71 8.58
S4 SF4 H . -5.47 -5.39 9.41
N MET I . -9.88 -9.20 7.78
CA MET I . -11.15 -9.00 7.08
C MET I . -11.57 -7.54 7.19
O MET I . -10.81 -6.75 7.73
CB MET I . -12.25 -9.90 7.63
OXT MET I . -12.65 -7.16 6.74
N1 5AD J . -8.88 -7.07 19.53
C2 5AD J . -10.00 -7.86 19.33
N3 5AD J . -10.39 -8.18 18.04
C4 5AD J . -9.68 -7.74 16.98
N9 5AD J . -9.82 -7.89 15.62
C8 5AD J . -8.79 -7.22 15.02
N7 5AD J . -8.03 -6.65 15.97
C5 5AD J . -8.55 -6.95 17.18
C6 5AD J . -8.16 -6.62 18.46
N6 5AD J . -7.07 -5.87 18.65
C1' 5AD J . -10.86 -8.65 14.92
C2' 5AD J . -11.47 -7.80 13.84
C3' 5AD J . -11.08 -8.45 12.53
C4' 5AD J . -10.57 -9.82 12.92
C5' 5AD J . -9.37 -10.26 12.10
O4' 5AD J . -10.24 -9.76 14.29
O2' 5AD J . -12.88 -7.83 14.00
O3' 5AD J . -12.19 -8.60 11.69
#